data_9VDC
#
_entry.id   9VDC
#
_cell.length_a   1.00
_cell.length_b   1.00
_cell.length_c   1.00
_cell.angle_alpha   90.00
_cell.angle_beta   90.00
_cell.angle_gamma   90.00
#
_symmetry.space_group_name_H-M   'P 1'
#
loop_
_entity.id
_entity.type
_entity.pdbx_description
1 polymer 'Aspartate/alanine antiporter'
2 non-polymer 'ASPARTIC ACID'
#
_entity_poly.entity_id   1
_entity_poly.type   'polypeptide(L)'
_entity_poly.pdbx_seq_one_letter_code
;MNAIGNFLVGTPVFTIFICLALGYLLGKLKIGSFTLGATVGVLIVALLIGQLGVFPRDTLLGDIFFDFFMFAIGYRVGPS
FISSMKKFGAKIVYATLIFLVSAFIVAYACFKMFHIGPGIAAGIIAGGLTQSAVIGSSLETISKLPISDHLKTLYSNQIP
IVYTLTYVFGTIGVLIFLRDIMPKLMHIDLKKQAVKTAKELDMIPVPVIVASTHFYTINDGSSLIGQTLGTVNTKFAKGL
VAAGLNDSADMASVINAGDVLAISGGIDEIGRAVQEFNLLEVTGKTKAYVSKQVVLKKNFSADVLKNAQDKGVLVATLAG
DVMDPAQFSTLHHHHHHKPAESVTLVGQKDAVSEVQSQLGRLRAAENIINYSWFALGIALSAALGIVGTKVSGVPIALGG
GTASLIVGLVQSIYRDKHAHMDTIPDSLLEFFQSIGLNLFIATVGLSAAKTFISAIQSMGISVLLIGAVISILPHIITFV
ICYYLMKMEPISIIGAQTGADTLSAALNDVSERVGSDASPFFAAAVAPAYAIGNIFLTLMGPIFIVLLS
;
_entity_poly.pdbx_strand_id   A,B
#
# COMPACT_ATOMS: atom_id res chain seq x y z
N MET A 1 -23.31 31.41 -6.42
CA MET A 1 -22.76 32.61 -5.74
C MET A 1 -22.70 32.37 -4.23
N ASN A 2 -23.87 32.26 -3.61
CA ASN A 2 -23.97 32.00 -2.18
C ASN A 2 -24.33 30.55 -1.86
N ALA A 3 -25.04 29.87 -2.76
CA ALA A 3 -25.38 28.48 -2.54
C ALA A 3 -24.14 27.59 -2.51
N ILE A 4 -23.02 28.05 -3.06
CA ILE A 4 -21.79 27.27 -3.01
C ILE A 4 -21.36 27.08 -1.56
N GLY A 5 -21.55 28.10 -0.73
CA GLY A 5 -21.24 27.96 0.68
C GLY A 5 -22.07 26.87 1.33
N ASN A 6 -23.37 26.85 1.06
CA ASN A 6 -24.22 25.81 1.61
C ASN A 6 -23.79 24.44 1.12
N PHE A 7 -23.47 24.32 -0.17
CA PHE A 7 -23.03 23.04 -0.71
C PHE A 7 -21.76 22.55 -0.01
N LEU A 8 -20.78 23.44 0.12
CA LEU A 8 -19.53 23.06 0.77
C LEU A 8 -19.76 22.66 2.22
N VAL A 9 -20.59 23.41 2.93
CA VAL A 9 -20.88 23.06 4.32
C VAL A 9 -21.61 21.71 4.39
N GLY A 10 -22.39 21.39 3.37
CA GLY A 10 -23.16 20.15 3.36
C GLY A 10 -22.44 18.94 2.82
N THR A 11 -21.27 19.10 2.20
CA THR A 11 -20.51 17.96 1.66
C THR A 11 -19.07 18.04 2.18
N PRO A 12 -18.87 17.69 3.46
CA PRO A 12 -17.52 17.78 4.03
C PRO A 12 -16.48 16.94 3.30
N VAL A 13 -16.86 15.76 2.81
CA VAL A 13 -15.91 14.92 2.08
C VAL A 13 -15.43 15.64 0.83
N PHE A 14 -16.37 16.22 0.08
CA PHE A 14 -16.00 16.97 -1.12
C PHE A 14 -15.08 18.13 -0.78
N THR A 15 -15.42 18.88 0.27
CA THR A 15 -14.58 20.01 0.65
C THR A 15 -13.16 19.55 0.97
N ILE A 16 -13.03 18.57 1.87
CA ILE A 16 -11.71 18.17 2.34
C ILE A 16 -10.89 17.62 1.19
N PHE A 17 -11.49 16.77 0.37
CA PHE A 17 -10.74 16.08 -0.68
C PHE A 17 -10.60 16.91 -1.95
N ILE A 18 -11.24 18.08 -2.03
CA ILE A 18 -10.85 19.06 -3.03
C ILE A 18 -9.79 20.01 -2.49
N CYS A 19 -9.65 20.11 -1.17
CA CYS A 19 -8.50 20.79 -0.59
C CYS A 19 -7.21 19.99 -0.74
N LEU A 20 -7.28 18.74 -1.20
CA LEU A 20 -6.11 17.88 -1.29
C LEU A 20 -5.58 17.70 -2.71
N ALA A 21 -6.35 18.04 -3.73
CA ALA A 21 -5.88 17.91 -5.10
C ALA A 21 -5.21 19.18 -5.59
N LEU A 22 -5.92 20.32 -5.48
CA LEU A 22 -5.32 21.59 -5.84
C LEU A 22 -4.09 21.86 -4.99
N GLY A 23 -4.07 21.40 -3.75
CA GLY A 23 -2.90 21.59 -2.92
C GLY A 23 -1.68 20.89 -3.50
N TYR A 24 -1.83 19.64 -3.91
CA TYR A 24 -0.71 18.92 -4.50
C TYR A 24 -0.30 19.55 -5.82
N LEU A 25 -1.27 19.97 -6.63
CA LEU A 25 -0.93 20.62 -7.88
C LEU A 25 -0.09 21.87 -7.63
N LEU A 26 -0.53 22.71 -6.68
CA LEU A 26 0.22 23.91 -6.36
C LEU A 26 1.61 23.56 -5.84
N GLY A 27 1.70 22.55 -4.98
CA GLY A 27 3.00 22.17 -4.44
C GLY A 27 3.96 21.74 -5.51
N LYS A 28 3.48 21.02 -6.52
CA LYS A 28 4.34 20.61 -7.62
C LYS A 28 4.58 21.73 -8.63
N LEU A 29 3.76 22.78 -8.59
CA LEU A 29 3.97 23.90 -9.50
C LEU A 29 5.36 24.51 -9.30
N LYS A 30 6.06 24.75 -10.42
CA LYS A 30 7.41 25.28 -10.41
C LYS A 30 7.45 26.50 -11.33
N ILE A 31 7.67 27.67 -10.74
CA ILE A 31 7.72 28.92 -11.49
C ILE A 31 9.01 29.67 -11.16
N GLY A 32 10.06 28.93 -10.82
CA GLY A 32 11.29 29.53 -10.38
C GLY A 32 11.31 29.93 -8.92
N SER A 33 10.26 29.61 -8.16
CA SER A 33 10.19 29.90 -6.74
C SER A 33 10.66 28.72 -5.89
N PHE A 34 11.55 27.88 -6.43
CA PHE A 34 12.04 26.72 -5.70
C PHE A 34 10.88 25.83 -5.24
N THR A 35 9.85 25.72 -6.09
CA THR A 35 8.65 24.98 -5.74
C THR A 35 8.03 25.56 -4.47
N LEU A 36 6.96 24.95 -3.99
CA LEU A 36 6.32 25.39 -2.76
C LEU A 36 6.20 24.28 -1.73
N GLY A 37 5.90 23.06 -2.13
CA GLY A 37 5.73 21.97 -1.20
C GLY A 37 4.27 21.60 -1.07
N ALA A 38 4.00 20.30 -0.98
CA ALA A 38 2.62 19.83 -0.94
C ALA A 38 1.89 20.36 0.30
N THR A 39 2.54 20.31 1.46
CA THR A 39 1.87 20.75 2.68
C THR A 39 1.53 22.23 2.61
N VAL A 40 2.47 23.06 2.16
CA VAL A 40 2.22 24.49 2.08
C VAL A 40 1.11 24.79 1.07
N GLY A 41 1.13 24.09 -0.07
CA GLY A 41 0.08 24.29 -1.05
C GLY A 41 -1.29 23.93 -0.49
N VAL A 42 -1.38 22.80 0.21
CA VAL A 42 -2.64 22.39 0.81
C VAL A 42 -3.11 23.44 1.81
N LEU A 43 -2.19 23.93 2.63
CA LEU A 43 -2.55 24.94 3.62
C LEU A 43 -3.09 26.20 2.95
N ILE A 44 -2.42 26.65 1.89
CA ILE A 44 -2.84 27.87 1.21
C ILE A 44 -4.22 27.68 0.58
N VAL A 45 -4.44 26.55 -0.08
CA VAL A 45 -5.73 26.31 -0.72
C VAL A 45 -6.83 26.21 0.33
N ALA A 46 -6.55 25.56 1.46
CA ALA A 46 -7.54 25.47 2.52
C ALA A 46 -7.88 26.85 3.06
N LEU A 47 -6.87 27.69 3.28
CA LEU A 47 -7.14 29.05 3.76
C LEU A 47 -7.99 29.81 2.76
N LEU A 48 -7.67 29.69 1.47
CA LEU A 48 -8.43 30.42 0.46
C LEU A 48 -9.88 29.94 0.40
N ILE A 49 -10.10 28.62 0.46
CA ILE A 49 -11.44 28.09 0.30
C ILE A 49 -12.27 28.22 1.57
N GLY A 50 -11.63 28.41 2.72
CA GLY A 50 -12.38 28.55 3.95
C GLY A 50 -13.16 29.84 4.06
N GLN A 51 -12.89 30.81 3.19
CA GLN A 51 -13.56 32.10 3.26
C GLN A 51 -15.00 32.05 2.76
N LEU A 52 -15.41 30.97 2.11
CA LEU A 52 -16.74 30.90 1.52
C LEU A 52 -17.78 30.36 2.48
N GLY A 53 -17.42 30.03 3.71
CA GLY A 53 -18.38 29.52 4.65
C GLY A 53 -17.78 29.34 6.02
N VAL A 54 -18.46 28.56 6.85
CA VAL A 54 -18.04 28.26 8.21
C VAL A 54 -18.08 26.74 8.36
N PHE A 55 -16.90 26.12 8.48
CA PHE A 55 -16.79 24.68 8.63
C PHE A 55 -16.15 24.35 9.97
N PRO A 56 -16.83 23.69 10.90
CA PRO A 56 -16.16 23.25 12.12
C PRO A 56 -15.21 22.09 11.85
N ARG A 57 -14.30 21.88 12.79
CA ARG A 57 -13.24 20.89 12.65
C ARG A 57 -13.55 19.67 13.48
N ASP A 58 -13.33 18.49 12.90
CA ASP A 58 -13.57 17.22 13.57
C ASP A 58 -12.26 16.69 14.12
N THR A 59 -12.23 16.42 15.42
CA THR A 59 -10.97 16.03 16.07
C THR A 59 -10.58 14.59 15.76
N LEU A 60 -11.57 13.68 15.71
CA LEU A 60 -11.26 12.26 15.62
C LEU A 60 -10.56 11.92 14.31
N LEU A 61 -11.05 12.46 13.20
CA LEU A 61 -10.45 12.16 11.90
C LEU A 61 -9.00 12.60 11.86
N GLY A 62 -8.74 13.85 12.28
CA GLY A 62 -7.37 14.34 12.30
C GLY A 62 -6.49 13.51 13.21
N ASP A 63 -7.00 13.14 14.38
CA ASP A 63 -6.19 12.35 15.30
C ASP A 63 -5.83 10.99 14.69
N ILE A 64 -6.80 10.33 14.06
CA ILE A 64 -6.53 9.02 13.48
C ILE A 64 -5.49 9.13 12.38
N PHE A 65 -5.66 10.11 11.48
CA PHE A 65 -4.73 10.18 10.35
C PHE A 65 -3.33 10.62 10.79
N PHE A 66 -3.25 11.53 11.75
CA PHE A 66 -1.95 11.90 12.29
C PHE A 66 -1.28 10.71 12.98
N ASP A 67 -2.07 9.89 13.68
CA ASP A 67 -1.51 8.70 14.29
C ASP A 67 -0.95 7.76 13.25
N PHE A 68 -1.68 7.58 12.14
CA PHE A 68 -1.16 6.76 11.05
C PHE A 68 0.15 7.32 10.53
N PHE A 69 0.22 8.63 10.33
CA PHE A 69 1.44 9.25 9.82
C PHE A 69 2.62 8.99 10.77
N MET A 70 2.40 9.21 12.06
CA MET A 70 3.47 9.03 13.03
C MET A 70 3.92 7.57 13.08
N PHE A 71 2.96 6.64 13.04
CA PHE A 71 3.32 5.24 13.06
C PHE A 71 4.14 4.86 11.84
N ALA A 72 3.75 5.37 10.66
CA ALA A 72 4.51 5.06 9.45
C ALA A 72 5.93 5.61 9.55
N ILE A 73 6.08 6.84 10.04
CA ILE A 73 7.42 7.43 10.17
C ILE A 73 8.26 6.59 11.11
N GLY A 74 7.69 6.20 12.24
CA GLY A 74 8.43 5.38 13.19
C GLY A 74 8.84 4.05 12.61
N TYR A 75 7.94 3.40 11.89
CA TYR A 75 8.27 2.11 11.29
C TYR A 75 9.38 2.26 10.25
N ARG A 76 9.33 3.32 9.45
CA ARG A 76 10.37 3.53 8.45
C ARG A 76 11.72 3.79 9.11
N VAL A 77 11.73 4.55 10.21
CA VAL A 77 12.99 4.93 10.83
C VAL A 77 13.55 3.83 11.75
N GLY A 78 12.72 2.88 12.16
CA GLY A 78 13.13 1.87 13.11
C GLY A 78 14.46 1.21 12.81
N PRO A 79 14.53 0.46 11.70
CA PRO A 79 15.72 -0.39 11.48
C PRO A 79 17.02 0.38 11.47
N SER A 80 17.03 1.60 10.95
CA SER A 80 18.26 2.39 10.89
C SER A 80 18.67 2.97 12.23
N PHE A 81 17.71 3.16 13.14
CA PHE A 81 18.03 3.79 14.43
C PHE A 81 19.05 2.95 15.20
N ILE A 82 18.82 1.64 15.28
CA ILE A 82 19.73 0.79 16.05
C ILE A 82 21.10 0.79 15.41
N SER A 83 21.17 0.70 14.08
CA SER A 83 22.46 0.68 13.41
C SER A 83 23.23 1.97 13.66
N SER A 84 22.55 3.11 13.56
CA SER A 84 23.22 4.38 13.80
C SER A 84 23.70 4.50 15.23
N MET A 85 22.86 4.10 16.19
CA MET A 85 23.31 4.13 17.59
C MET A 85 24.51 3.22 17.79
N LYS A 86 24.56 2.09 17.08
CA LYS A 86 25.67 1.17 17.25
C LYS A 86 26.96 1.74 16.68
N LYS A 87 26.91 2.30 15.46
CA LYS A 87 28.12 2.77 14.81
C LYS A 87 28.43 4.23 15.14
N PHE A 88 27.51 5.13 14.83
CA PHE A 88 27.72 6.54 15.15
C PHE A 88 27.82 6.72 16.66
N GLY A 89 28.66 7.67 17.06
CA GLY A 89 28.82 7.99 18.47
C GLY A 89 27.72 8.90 18.96
N ALA A 90 27.90 9.37 20.19
CA ALA A 90 26.91 10.25 20.82
C ALA A 90 26.93 11.65 20.24
N LYS A 91 27.70 11.92 19.19
CA LYS A 91 27.72 13.26 18.62
C LYS A 91 26.34 13.70 18.18
N ILE A 92 25.53 12.77 17.66
CA ILE A 92 24.17 13.13 17.24
C ILE A 92 23.35 13.58 18.43
N VAL A 93 23.44 12.85 19.53
CA VAL A 93 22.70 13.22 20.73
C VAL A 93 23.16 14.58 21.25
N TYR A 94 24.49 14.80 21.23
CA TYR A 94 25.01 16.08 21.69
C TYR A 94 24.48 17.22 20.84
N ALA A 95 24.48 17.05 19.51
CA ALA A 95 23.98 18.09 18.62
C ALA A 95 22.50 18.35 18.87
N THR A 96 21.72 17.29 19.05
CA THR A 96 20.29 17.48 19.31
C THR A 96 20.06 18.24 20.60
N LEU A 97 20.80 17.88 21.65
CA LEU A 97 20.64 18.56 22.93
C LEU A 97 21.03 20.03 22.81
N ILE A 98 22.12 20.31 22.10
CA ILE A 98 22.54 21.70 21.90
C ILE A 98 21.45 22.48 21.18
N PHE A 99 20.90 21.89 20.12
CA PHE A 99 19.87 22.56 19.35
C PHE A 99 18.65 22.86 20.22
N LEU A 100 18.23 21.87 21.00
CA LEU A 100 17.04 22.06 21.83
C LEU A 100 17.27 23.13 22.88
N VAL A 101 18.42 23.11 23.53
CA VAL A 101 18.72 24.12 24.55
C VAL A 101 18.76 25.51 23.92
N SER A 102 19.40 25.63 22.75
CA SER A 102 19.47 26.92 22.10
C SER A 102 18.09 27.43 21.74
N ALA A 103 17.24 26.56 21.18
CA ALA A 103 15.89 26.97 20.82
C ALA A 103 15.10 27.40 22.05
N PHE A 104 15.21 26.64 23.14
CA PHE A 104 14.53 27.00 24.36
C PHE A 104 14.94 28.38 24.83
N ILE A 105 16.26 28.63 24.91
CA ILE A 105 16.75 29.90 25.42
C ILE A 105 16.28 31.04 24.52
N VAL A 106 16.41 30.87 23.20
CA VAL A 106 16.07 31.94 22.27
C VAL A 106 14.59 32.25 22.35
N ALA A 107 13.74 31.22 22.37
CA ALA A 107 12.31 31.45 22.46
C ALA A 107 11.94 32.16 23.74
N TYR A 108 12.50 31.71 24.86
CA TYR A 108 12.18 32.34 26.14
C TYR A 108 12.59 33.81 26.13
N ALA A 109 13.81 34.09 25.67
CA ALA A 109 14.29 35.47 25.65
C ALA A 109 13.42 36.34 24.77
N CYS A 110 13.09 35.86 23.56
CA CYS A 110 12.30 36.67 22.64
C CYS A 110 10.91 36.95 23.21
N PHE A 111 10.27 35.91 23.76
CA PHE A 111 8.93 36.11 24.30
C PHE A 111 8.94 37.06 25.49
N LYS A 112 9.92 36.92 26.38
CA LYS A 112 10.00 37.82 27.52
C LYS A 112 10.23 39.25 27.06
N MET A 113 11.12 39.43 26.07
CA MET A 113 11.43 40.79 25.61
C MET A 113 10.22 41.43 24.95
N PHE A 114 9.48 40.68 24.15
CA PHE A 114 8.37 41.25 23.39
C PHE A 114 7.03 41.17 24.13
N HIS A 115 6.99 40.60 25.32
CA HIS A 115 5.76 40.55 26.11
C HIS A 115 4.63 39.91 25.32
N ILE A 116 4.82 38.63 24.99
CA ILE A 116 3.87 37.86 24.19
C ILE A 116 3.04 36.98 25.12
N GLY A 117 1.75 36.87 24.81
CA GLY A 117 0.85 36.08 25.62
C GLY A 117 1.11 34.59 25.48
N PRO A 118 0.66 33.80 26.46
CA PRO A 118 0.93 32.36 26.40
C PRO A 118 0.34 31.68 25.17
N GLY A 119 -0.86 32.07 24.75
CA GLY A 119 -1.44 31.46 23.57
C GLY A 119 -0.65 31.74 22.32
N ILE A 120 -0.26 33.00 22.13
CA ILE A 120 0.56 33.35 20.98
C ILE A 120 1.90 32.63 21.04
N ALA A 121 2.45 32.49 22.25
CA ALA A 121 3.73 31.81 22.41
C ALA A 121 3.61 30.35 21.97
N ALA A 122 2.58 29.65 22.46
CA ALA A 122 2.41 28.25 22.09
C ALA A 122 2.19 28.11 20.59
N GLY A 123 1.34 28.96 20.01
CA GLY A 123 1.11 28.89 18.59
C GLY A 123 2.36 29.14 17.78
N ILE A 124 3.15 30.14 18.18
CA ILE A 124 4.37 30.46 17.44
C ILE A 124 5.36 29.31 17.55
N ILE A 125 5.48 28.71 18.73
CA ILE A 125 6.35 27.54 18.87
C ILE A 125 5.92 26.44 17.93
N ALA A 126 4.63 26.10 17.95
CA ALA A 126 4.14 24.98 17.15
C ALA A 126 4.23 25.25 15.66
N GLY A 127 4.17 26.51 15.26
CA GLY A 127 4.20 26.84 13.85
C GLY A 127 5.56 27.23 13.32
N GLY A 128 6.53 27.44 14.22
CA GLY A 128 7.87 27.81 13.81
C GLY A 128 8.84 26.67 13.91
N LEU A 129 8.71 25.85 14.95
CA LEU A 129 9.50 24.64 15.06
C LEU A 129 8.83 23.46 14.37
N THR A 130 7.77 23.72 13.59
CA THR A 130 7.08 22.72 12.77
C THR A 130 6.88 21.42 13.54
N GLN A 131 6.07 21.51 14.60
CA GLN A 131 5.70 20.36 15.43
C GLN A 131 4.19 20.44 15.65
N SER A 132 3.42 19.73 14.83
CA SER A 132 1.96 19.83 14.89
C SER A 132 1.39 19.12 16.10
N ALA A 133 2.12 18.19 16.70
CA ALA A 133 1.60 17.48 17.87
C ALA A 133 1.45 18.39 19.07
N VAL A 134 1.99 19.61 19.03
CA VAL A 134 1.89 20.51 20.16
C VAL A 134 0.43 20.82 20.46
N ILE A 135 -0.38 21.07 19.43
CA ILE A 135 -1.68 21.72 19.61
C ILE A 135 -2.52 20.96 20.64
N GLY A 136 -2.59 19.64 20.51
CA GLY A 136 -3.43 18.88 21.42
C GLY A 136 -2.98 18.98 22.86
N SER A 137 -1.68 18.81 23.10
CA SER A 137 -1.16 18.90 24.45
C SER A 137 -1.35 20.30 25.02
N SER A 138 -1.13 21.33 24.19
CA SER A 138 -1.30 22.70 24.65
C SER A 138 -2.75 22.96 25.03
N LEU A 139 -3.70 22.49 24.23
CA LEU A 139 -5.10 22.68 24.56
C LEU A 139 -5.46 21.95 25.84
N GLU A 140 -4.96 20.72 26.01
CA GLU A 140 -5.23 19.99 27.24
C GLU A 140 -4.68 20.72 28.46
N THR A 141 -3.45 21.23 28.36
CA THR A 141 -2.86 21.97 29.47
C THR A 141 -3.64 23.24 29.76
N ILE A 142 -4.09 23.93 28.72
CA ILE A 142 -4.89 25.14 28.91
C ILE A 142 -6.16 24.79 29.66
N SER A 143 -6.82 23.69 29.29
CA SER A 143 -8.03 23.28 29.98
C SER A 143 -7.73 22.96 31.44
N LYS A 144 -6.61 22.28 31.70
CA LYS A 144 -6.30 21.85 33.06
C LYS A 144 -5.97 23.04 33.96
N LEU A 145 -5.13 23.96 33.49
CA LEU A 145 -4.65 25.03 34.35
C LEU A 145 -5.79 25.93 34.79
N PRO A 146 -5.82 26.35 36.07
CA PRO A 146 -6.94 27.16 36.57
C PRO A 146 -6.77 28.63 36.24
N ILE A 147 -7.61 29.13 35.33
CA ILE A 147 -7.68 30.55 35.02
C ILE A 147 -9.11 30.90 34.63
N SER A 148 -9.37 32.17 34.33
CA SER A 148 -10.71 32.59 33.94
C SER A 148 -11.13 31.88 32.65
N ASP A 149 -12.42 31.57 32.57
CA ASP A 149 -12.95 30.85 31.41
C ASP A 149 -12.84 31.67 30.14
N HIS A 150 -13.00 32.99 30.23
CA HIS A 150 -12.82 33.82 29.06
C HIS A 150 -11.39 33.72 28.53
N LEU A 151 -10.42 33.74 29.44
CA LEU A 151 -9.03 33.54 29.03
C LEU A 151 -8.84 32.15 28.42
N LYS A 152 -9.46 31.13 29.02
CA LYS A 152 -9.36 29.78 28.48
C LYS A 152 -9.82 29.75 27.03
N THR A 153 -11.02 30.28 26.77
CA THR A 153 -11.56 30.22 25.41
C THR A 153 -10.74 31.08 24.45
N LEU A 154 -10.27 32.24 24.90
CA LEU A 154 -9.45 33.08 24.02
C LEU A 154 -8.17 32.36 23.63
N TYR A 155 -7.48 31.76 24.60
CA TYR A 155 -6.25 31.03 24.31
C TYR A 155 -6.53 29.86 23.39
N SER A 156 -7.62 29.13 23.63
CA SER A 156 -7.95 27.99 22.79
C SER A 156 -8.21 28.43 21.35
N ASN A 157 -8.88 29.57 21.18
CA ASN A 157 -9.22 30.04 19.84
C ASN A 157 -8.01 30.63 19.11
N GLN A 158 -7.06 31.20 19.84
CA GLN A 158 -6.00 31.97 19.18
C GLN A 158 -4.85 31.13 18.65
N ILE A 159 -4.82 29.83 18.91
CA ILE A 159 -3.65 29.01 18.57
C ILE A 159 -3.61 28.71 17.06
N PRO A 160 -4.64 28.08 16.50
CA PRO A 160 -4.52 27.60 15.12
C PRO A 160 -4.17 28.68 14.11
N ILE A 161 -4.64 29.92 14.30
CA ILE A 161 -4.40 30.95 13.31
C ILE A 161 -2.92 31.30 13.24
N VAL A 162 -2.30 31.54 14.40
CA VAL A 162 -0.88 31.84 14.41
C VAL A 162 -0.08 30.62 13.97
N TYR A 163 -0.57 29.43 14.32
CA TYR A 163 0.09 28.20 13.85
C TYR A 163 0.14 28.17 12.33
N THR A 164 -0.98 28.44 11.68
CA THR A 164 -1.02 28.47 10.22
C THR A 164 -0.15 29.57 9.67
N LEU A 165 -0.15 30.74 10.31
CA LEU A 165 0.66 31.85 9.81
C LEU A 165 2.14 31.51 9.84
N THR A 166 2.60 30.84 10.90
CA THR A 166 4.03 30.57 11.04
C THR A 166 4.47 29.33 10.27
N TYR A 167 3.58 28.36 10.07
CA TYR A 167 3.96 27.12 9.39
C TYR A 167 4.51 27.39 8.00
N VAL A 168 3.93 28.36 7.28
CA VAL A 168 4.35 28.61 5.91
C VAL A 168 5.84 28.89 5.85
N PHE A 169 6.31 29.82 6.68
CA PHE A 169 7.74 30.09 6.72
C PHE A 169 8.50 28.91 7.30
N GLY A 170 8.02 28.34 8.40
CA GLY A 170 8.75 27.27 9.04
C GLY A 170 9.06 26.12 8.10
N THR A 171 8.25 25.96 7.06
CA THR A 171 8.49 24.92 6.07
C THR A 171 9.23 25.42 4.83
N ILE A 172 8.85 26.59 4.29
CA ILE A 172 9.50 27.04 3.07
C ILE A 172 10.95 27.44 3.33
N GLY A 173 11.20 28.17 4.42
CA GLY A 173 12.55 28.39 4.89
C GLY A 173 12.98 27.26 5.81
N VAL A 174 14.23 27.33 6.24
CA VAL A 174 14.88 26.24 6.96
C VAL A 174 15.23 25.15 5.96
N LEU A 175 14.24 24.70 5.19
CA LEU A 175 14.53 23.75 4.12
C LEU A 175 15.60 24.30 3.20
N ILE A 176 15.39 25.51 2.68
CA ILE A 176 16.37 26.11 1.79
C ILE A 176 17.66 26.40 2.55
N PHE A 177 17.54 26.85 3.79
CA PHE A 177 18.71 27.25 4.55
C PHE A 177 19.68 26.08 4.73
N LEU A 178 19.15 24.89 5.02
CA LEU A 178 19.99 23.72 5.26
C LEU A 178 20.11 22.80 4.05
N ARG A 179 19.50 23.16 2.91
CA ARG A 179 19.69 22.40 1.68
C ARG A 179 20.59 23.10 0.67
N ASP A 180 20.60 24.44 0.64
CA ASP A 180 21.44 25.18 -0.28
C ASP A 180 22.42 26.10 0.43
N ILE A 181 21.94 26.90 1.39
CA ILE A 181 22.79 27.90 2.03
C ILE A 181 23.92 27.22 2.80
N MET A 182 23.59 26.17 3.56
CA MET A 182 24.62 25.50 4.35
C MET A 182 25.65 24.83 3.47
N PRO A 183 25.28 24.07 2.43
CA PRO A 183 26.31 23.57 1.50
C PRO A 183 27.14 24.67 0.87
N LYS A 184 26.52 25.79 0.49
CA LYS A 184 27.27 26.87 -0.12
C LYS A 184 28.29 27.44 0.86
N LEU A 185 27.89 27.62 2.12
CA LEU A 185 28.81 28.15 3.11
C LEU A 185 29.91 27.16 3.46
N MET A 186 29.61 25.87 3.42
CA MET A 186 30.60 24.85 3.76
C MET A 186 31.44 24.42 2.58
N HIS A 187 31.14 24.90 1.37
CA HIS A 187 31.97 24.67 0.20
C HIS A 187 32.15 23.17 -0.07
N ILE A 188 31.03 22.44 -0.03
CA ILE A 188 31.02 21.02 -0.36
C ILE A 188 29.79 20.74 -1.23
N ASP A 189 29.84 19.61 -1.92
CA ASP A 189 28.73 19.12 -2.72
C ASP A 189 28.09 17.94 -2.00
N LEU A 190 26.76 17.96 -1.90
CA LEU A 190 26.07 16.92 -1.15
C LEU A 190 26.43 15.54 -1.67
N LYS A 191 26.28 15.32 -2.98
CA LYS A 191 26.51 14.00 -3.54
C LYS A 191 27.92 13.51 -3.24
N LYS A 192 28.92 14.33 -3.58
CA LYS A 192 30.31 13.89 -3.46
C LYS A 192 30.67 13.64 -2.00
N GLN A 193 30.31 14.57 -1.11
CA GLN A 193 30.68 14.42 0.29
C GLN A 193 30.00 13.21 0.91
N ALA A 194 28.70 13.02 0.63
CA ALA A 194 28.00 11.88 1.19
C ALA A 194 28.59 10.58 0.68
N VAL A 195 28.91 10.50 -0.61
CA VAL A 195 29.49 9.28 -1.15
C VAL A 195 30.84 9.01 -0.50
N LYS A 196 31.66 10.05 -0.34
CA LYS A 196 32.98 9.87 0.27
C LYS A 196 32.85 9.37 1.70
N THR A 197 31.97 9.98 2.49
CA THR A 197 31.81 9.56 3.87
C THR A 197 31.26 8.14 3.95
N ALA A 198 30.30 7.81 3.09
CA ALA A 198 29.75 6.46 3.10
C ALA A 198 30.81 5.43 2.74
N LYS A 199 31.65 5.74 1.74
CA LYS A 199 32.74 4.83 1.40
C LYS A 199 33.71 4.68 2.55
N GLU A 200 34.03 5.78 3.24
CA GLU A 200 34.93 5.70 4.37
C GLU A 200 34.35 4.80 5.46
N LEU A 201 33.06 4.95 5.74
CA LEU A 201 32.39 4.12 6.73
C LEU A 201 31.84 2.85 6.09
N ASP A 202 31.32 1.95 6.92
CA ASP A 202 30.74 0.70 6.46
C ASP A 202 29.22 0.85 6.43
N MET A 203 28.72 1.55 5.41
CA MET A 203 27.29 1.74 5.24
C MET A 203 26.82 1.56 3.81
N ILE A 204 27.70 1.52 2.82
CA ILE A 204 27.27 1.39 1.44
C ILE A 204 26.61 0.03 1.25
N PRO A 205 25.41 -0.05 0.67
CA PRO A 205 24.79 -1.36 0.42
C PRO A 205 25.67 -2.22 -0.47
N VAL A 206 25.67 -3.52 -0.20
CA VAL A 206 26.46 -4.50 -0.94
C VAL A 206 25.49 -5.40 -1.71
N PRO A 207 25.40 -5.30 -3.03
CA PRO A 207 24.50 -6.19 -3.76
C PRO A 207 24.93 -7.65 -3.62
N VAL A 208 23.94 -8.54 -3.61
CA VAL A 208 24.18 -9.96 -3.40
C VAL A 208 23.50 -10.75 -4.52
N ILE A 209 24.23 -11.73 -5.06
CA ILE A 209 23.65 -12.60 -6.06
C ILE A 209 22.51 -13.39 -5.44
N VAL A 210 21.56 -13.79 -6.27
CA VAL A 210 20.41 -14.60 -5.85
C VAL A 210 20.52 -15.94 -6.57
N ALA A 211 20.77 -17.00 -5.81
CA ALA A 211 20.82 -18.32 -6.39
C ALA A 211 19.42 -18.76 -6.82
N SER A 212 19.36 -19.52 -7.90
CA SER A 212 18.08 -19.97 -8.44
C SER A 212 18.31 -21.27 -9.20
N THR A 213 17.28 -21.67 -9.96
CA THR A 213 17.29 -22.88 -10.75
C THR A 213 17.25 -22.54 -12.22
N HIS A 214 18.07 -23.23 -13.01
CA HIS A 214 18.07 -23.12 -14.46
C HIS A 214 17.75 -24.48 -15.05
N PHE A 215 16.79 -24.50 -15.98
CA PHE A 215 16.33 -25.76 -16.58
C PHE A 215 17.10 -25.99 -17.88
N TYR A 216 18.32 -26.49 -17.73
CA TYR A 216 19.10 -26.89 -18.88
C TYR A 216 18.52 -28.15 -19.51
N THR A 217 18.88 -28.39 -20.76
CA THR A 217 18.51 -29.60 -21.48
C THR A 217 19.77 -30.32 -21.96
N ILE A 218 19.77 -31.63 -21.80
CA ILE A 218 20.94 -32.44 -22.13
C ILE A 218 21.13 -32.46 -23.64
N ASN A 219 22.38 -32.36 -24.06
CA ASN A 219 22.70 -32.48 -25.48
C ASN A 219 22.44 -33.90 -25.96
N ASP A 220 22.17 -34.03 -27.26
CA ASP A 220 21.93 -35.31 -27.89
C ASP A 220 23.21 -35.96 -28.42
N GLY A 221 24.37 -35.51 -27.94
CA GLY A 221 25.63 -36.08 -28.38
C GLY A 221 26.05 -37.27 -27.55
N SER A 222 27.25 -37.21 -26.97
CA SER A 222 27.77 -38.31 -26.16
C SER A 222 28.68 -37.73 -25.10
N SER A 223 28.15 -37.54 -23.89
CA SER A 223 28.94 -37.04 -22.77
C SER A 223 28.26 -37.47 -21.48
N LEU A 224 28.77 -38.54 -20.86
CA LEU A 224 28.28 -39.01 -19.58
C LEU A 224 26.77 -39.25 -19.61
N ILE A 225 26.30 -39.88 -20.68
CA ILE A 225 24.89 -40.22 -20.80
C ILE A 225 24.62 -41.51 -20.04
N GLY A 226 23.45 -41.58 -19.40
CA GLY A 226 23.10 -42.75 -18.62
C GLY A 226 23.91 -42.85 -17.35
N GLN A 227 23.70 -41.92 -16.43
CA GLN A 227 24.45 -41.87 -15.18
C GLN A 227 23.54 -41.38 -14.07
N THR A 228 23.89 -41.73 -12.83
CA THR A 228 23.10 -41.33 -11.69
C THR A 228 23.44 -39.89 -11.27
N LEU A 229 22.51 -39.29 -10.52
CA LEU A 229 22.69 -37.90 -10.09
C LEU A 229 23.71 -37.77 -8.97
N GLY A 230 23.86 -38.80 -8.14
CA GLY A 230 24.77 -38.69 -7.01
C GLY A 230 26.21 -38.49 -7.43
N THR A 231 26.68 -39.30 -8.39
CA THR A 231 28.04 -39.17 -8.88
C THR A 231 28.24 -37.83 -9.57
N VAL A 232 27.24 -37.37 -10.32
CA VAL A 232 27.33 -36.07 -10.98
C VAL A 232 27.47 -34.96 -9.94
N ASN A 233 26.68 -35.02 -8.88
CA ASN A 233 26.75 -34.01 -7.83
C ASN A 233 28.10 -34.04 -7.12
N THR A 234 28.61 -35.25 -6.84
CA THR A 234 29.92 -35.35 -6.21
C THR A 234 31.01 -34.78 -7.10
N LYS A 235 30.91 -35.02 -8.42
CA LYS A 235 31.86 -34.43 -9.35
C LYS A 235 31.76 -32.91 -9.35
N PHE A 236 30.54 -32.39 -9.29
CA PHE A 236 30.35 -30.94 -9.29
C PHE A 236 30.95 -30.33 -8.04
N ALA A 237 31.49 -29.11 -8.20
CA ALA A 237 32.08 -28.40 -7.08
C ALA A 237 30.98 -27.95 -6.12
N LYS A 238 31.38 -27.26 -5.05
CA LYS A 238 30.43 -26.76 -4.08
C LYS A 238 29.61 -25.63 -4.68
N GLY A 239 28.34 -25.56 -4.27
CA GLY A 239 27.44 -24.53 -4.74
C GLY A 239 26.56 -24.92 -5.90
N LEU A 240 26.71 -26.13 -6.43
CA LEU A 240 25.87 -26.63 -7.52
C LEU A 240 25.12 -27.86 -7.04
N VAL A 241 23.82 -27.91 -7.33
CA VAL A 241 23.01 -29.07 -6.97
C VAL A 241 22.10 -29.42 -8.15
N ALA A 242 22.03 -30.72 -8.46
CA ALA A 242 21.06 -31.20 -9.43
C ALA A 242 19.67 -31.23 -8.80
N ALA A 243 18.66 -31.19 -9.65
CA ALA A 243 17.26 -31.17 -9.22
C ALA A 243 16.46 -32.22 -9.97
N GLY A 244 17.00 -33.43 -10.05
CA GLY A 244 16.30 -34.52 -10.72
C GLY A 244 16.43 -34.43 -12.23
N LEU A 245 15.46 -35.05 -12.91
CA LEU A 245 15.44 -35.08 -14.36
C LEU A 245 14.29 -34.25 -14.93
N ASN A 246 13.04 -34.59 -14.60
CA ASN A 246 11.90 -33.78 -15.01
C ASN A 246 11.17 -33.19 -13.82
N ASP A 247 10.67 -34.03 -12.90
CA ASP A 247 10.10 -33.53 -11.66
C ASP A 247 10.36 -34.48 -10.49
N SER A 248 11.15 -35.52 -10.68
CA SER A 248 11.31 -36.59 -9.68
C SER A 248 12.53 -36.35 -8.80
N ALA A 249 12.40 -36.77 -7.55
CA ALA A 249 13.47 -36.64 -6.57
C ALA A 249 14.34 -37.88 -6.46
N ASP A 250 14.10 -38.90 -7.28
CA ASP A 250 14.89 -40.12 -7.21
C ASP A 250 16.36 -39.79 -7.47
N MET A 251 17.24 -40.34 -6.62
CA MET A 251 18.67 -40.07 -6.70
C MET A 251 19.42 -41.09 -7.54
N ALA A 252 18.75 -42.12 -8.05
CA ALA A 252 19.41 -43.07 -8.95
C ALA A 252 19.20 -42.65 -10.41
N SER A 253 17.94 -42.64 -10.85
CA SER A 253 17.58 -42.07 -12.14
C SER A 253 18.32 -42.72 -13.30
N VAL A 254 17.98 -42.33 -14.53
CA VAL A 254 18.68 -42.77 -15.72
C VAL A 254 18.62 -41.64 -16.75
N ILE A 255 19.78 -41.15 -17.17
CA ILE A 255 19.83 -40.05 -18.14
C ILE A 255 19.59 -40.62 -19.54
N ASN A 256 18.55 -40.11 -20.20
CA ASN A 256 18.19 -40.53 -21.54
C ASN A 256 18.61 -39.46 -22.55
N ALA A 257 18.22 -39.68 -23.81
CA ALA A 257 18.63 -38.77 -24.87
C ALA A 257 18.12 -37.36 -24.63
N GLY A 258 16.84 -37.23 -24.26
CA GLY A 258 16.24 -35.92 -24.07
C GLY A 258 15.59 -35.75 -22.71
N ASP A 259 16.14 -34.86 -21.89
CA ASP A 259 15.56 -34.53 -20.60
C ASP A 259 16.35 -33.38 -20.00
N VAL A 260 15.67 -32.55 -19.21
CA VAL A 260 16.31 -31.40 -18.58
C VAL A 260 17.11 -31.87 -17.36
N LEU A 261 18.14 -31.09 -17.03
CA LEU A 261 18.96 -31.34 -15.85
C LEU A 261 18.53 -30.54 -14.64
N ALA A 262 18.01 -29.32 -14.85
CA ALA A 262 17.49 -28.48 -13.78
C ALA A 262 18.56 -28.26 -12.70
N ILE A 263 19.65 -27.61 -13.11
CA ILE A 263 20.69 -27.27 -12.15
C ILE A 263 20.21 -26.15 -11.24
N SER A 264 20.86 -26.04 -10.08
CA SER A 264 20.51 -24.98 -9.13
C SER A 264 21.76 -24.52 -8.42
N GLY A 265 21.81 -23.22 -8.17
CA GLY A 265 22.94 -22.61 -7.50
C GLY A 265 23.08 -21.15 -7.90
N GLY A 266 24.32 -20.68 -7.93
CA GLY A 266 24.63 -19.34 -8.35
C GLY A 266 24.59 -19.22 -9.86
N ILE A 267 25.19 -18.14 -10.35
CA ILE A 267 25.24 -17.85 -11.78
C ILE A 267 26.61 -18.17 -12.37
N ASP A 268 27.68 -17.68 -11.75
CA ASP A 268 29.02 -17.94 -12.27
C ASP A 268 29.33 -19.43 -12.24
N GLU A 269 28.92 -20.12 -11.18
CA GLU A 269 29.19 -21.54 -11.09
C GLU A 269 28.51 -22.30 -12.22
N ILE A 270 27.25 -21.98 -12.50
CA ILE A 270 26.56 -22.67 -13.59
C ILE A 270 27.17 -22.28 -14.93
N GLY A 271 27.64 -21.04 -15.06
CA GLY A 271 28.35 -20.67 -16.27
C GLY A 271 29.57 -21.54 -16.51
N ARG A 272 30.35 -21.76 -15.46
CA ARG A 272 31.51 -22.65 -15.58
C ARG A 272 31.06 -24.07 -15.89
N ALA A 273 30.00 -24.54 -15.23
CA ALA A 273 29.55 -25.92 -15.40
C ALA A 273 28.91 -26.14 -16.76
N VAL A 274 28.51 -25.07 -17.45
CA VAL A 274 28.01 -25.23 -18.81
C VAL A 274 29.14 -25.07 -19.83
N GLN A 275 30.13 -24.23 -19.55
CA GLN A 275 31.28 -24.17 -20.43
C GLN A 275 32.03 -25.50 -20.45
N GLU A 276 32.21 -26.11 -19.27
CA GLU A 276 32.73 -27.46 -19.18
C GLU A 276 31.56 -28.43 -19.17
N PHE A 277 31.66 -29.52 -19.93
CA PHE A 277 30.57 -30.47 -20.09
C PHE A 277 29.33 -29.77 -20.66
N ASN A 278 29.50 -29.33 -21.91
CA ASN A 278 28.52 -28.47 -22.55
C ASN A 278 27.10 -29.05 -22.49
N LEU A 279 26.13 -28.19 -22.21
CA LEU A 279 24.72 -28.57 -22.19
C LEU A 279 23.89 -27.42 -22.72
N LEU A 280 22.74 -27.75 -23.32
CA LEU A 280 21.89 -26.74 -23.92
C LEU A 280 21.05 -26.04 -22.84
N GLU A 281 20.55 -24.86 -23.19
CA GLU A 281 19.73 -24.08 -22.29
C GLU A 281 18.35 -23.86 -22.91
N VAL A 282 17.30 -24.03 -22.11
CA VAL A 282 15.93 -23.83 -22.56
C VAL A 282 15.13 -23.17 -21.45
N THR A 283 14.04 -22.49 -21.84
CA THR A 283 13.22 -21.81 -20.87
C THR A 283 12.60 -22.78 -19.87
N GLY A 284 12.16 -23.94 -20.36
CA GLY A 284 11.54 -24.92 -19.49
C GLY A 284 10.16 -24.48 -19.03
N LYS A 285 9.36 -25.43 -18.55
CA LYS A 285 7.99 -25.13 -18.14
C LYS A 285 7.57 -26.20 -17.12
N THR A 286 7.58 -25.83 -15.84
CA THR A 286 7.15 -26.74 -14.79
C THR A 286 6.88 -25.92 -13.53
N LYS A 287 5.88 -26.35 -12.77
CA LYS A 287 5.51 -25.68 -11.53
C LYS A 287 6.34 -26.14 -10.34
N ALA A 288 7.21 -27.13 -10.52
CA ALA A 288 8.02 -27.67 -9.43
C ALA A 288 9.23 -26.76 -9.20
N TYR A 289 10.15 -27.21 -8.35
CA TYR A 289 11.36 -26.46 -8.06
C TYR A 289 11.06 -25.10 -7.43
N VAL A 290 9.92 -24.99 -6.75
CA VAL A 290 9.58 -23.73 -6.11
C VAL A 290 10.50 -23.50 -4.92
N SER A 291 10.77 -22.24 -4.61
CA SER A 291 11.63 -21.86 -3.51
C SER A 291 10.81 -21.38 -2.34
N LYS A 292 11.34 -21.57 -1.13
CA LYS A 292 10.65 -21.17 0.08
C LYS A 292 11.67 -20.69 1.11
N GLN A 293 11.17 -19.91 2.08
CA GLN A 293 11.94 -19.48 3.23
C GLN A 293 11.28 -20.06 4.47
N VAL A 294 12.04 -20.82 5.26
CA VAL A 294 11.49 -21.59 6.36
C VAL A 294 12.30 -21.30 7.62
N VAL A 295 11.61 -21.01 8.71
CA VAL A 295 12.24 -20.92 10.02
C VAL A 295 12.54 -22.32 10.54
N LEU A 296 13.46 -22.40 11.49
CA LEU A 296 13.87 -23.66 12.06
C LEU A 296 13.13 -23.92 13.36
N LYS A 297 12.97 -25.20 13.68
CA LYS A 297 12.28 -25.64 14.89
C LYS A 297 13.03 -26.69 15.69
N LYS A 298 14.03 -27.35 15.11
CA LYS A 298 14.68 -28.52 15.74
C LYS A 298 16.05 -28.18 16.31
N ASN A 299 16.21 -26.98 16.88
CA ASN A 299 17.40 -26.63 17.65
C ASN A 299 18.68 -26.77 16.81
N PHE A 300 18.78 -25.91 15.80
CA PHE A 300 19.95 -25.81 14.94
C PHE A 300 20.51 -27.18 14.58
N SER A 301 19.66 -27.97 13.91
CA SER A 301 20.09 -29.28 13.44
C SER A 301 21.26 -29.14 12.48
N ALA A 302 22.26 -30.01 12.64
CA ALA A 302 23.47 -29.97 11.83
C ALA A 302 23.42 -30.98 10.68
N ASP A 303 23.21 -32.25 11.00
CA ASP A 303 23.31 -33.30 9.98
C ASP A 303 22.32 -33.06 8.84
N VAL A 304 21.15 -32.49 9.14
CA VAL A 304 20.19 -32.23 8.08
C VAL A 304 20.77 -31.25 7.07
N LEU A 305 21.38 -30.17 7.56
CA LEU A 305 22.00 -29.21 6.65
C LEU A 305 23.20 -29.82 5.94
N LYS A 306 23.95 -30.69 6.63
CA LYS A 306 25.08 -31.34 5.99
C LYS A 306 24.62 -32.20 4.81
N ASN A 307 23.53 -32.94 4.99
CA ASN A 307 23.08 -33.90 3.99
C ASN A 307 22.03 -33.33 3.04
N ALA A 308 21.65 -32.05 3.21
CA ALA A 308 20.69 -31.45 2.30
C ALA A 308 21.21 -31.46 0.86
N GLN A 309 22.50 -31.15 0.68
CA GLN A 309 23.06 -31.16 -0.67
C GLN A 309 22.91 -32.53 -1.31
N ASP A 310 23.19 -33.59 -0.56
CA ASP A 310 22.97 -34.94 -1.08
C ASP A 310 21.50 -35.17 -1.38
N LYS A 311 20.62 -34.70 -0.49
CA LYS A 311 19.19 -34.87 -0.72
C LYS A 311 18.72 -34.12 -1.96
N GLY A 312 19.47 -33.12 -2.41
CA GLY A 312 19.12 -32.37 -3.60
C GLY A 312 18.57 -30.99 -3.35
N VAL A 313 18.61 -30.50 -2.12
CA VAL A 313 18.10 -29.18 -1.77
C VAL A 313 19.27 -28.30 -1.38
N LEU A 314 19.31 -27.09 -1.91
CA LEU A 314 20.36 -26.13 -1.64
C LEU A 314 19.88 -25.17 -0.55
N VAL A 315 20.74 -24.92 0.44
CA VAL A 315 20.42 -24.04 1.55
C VAL A 315 21.12 -22.72 1.34
N ALA A 316 20.38 -21.61 1.53
CA ALA A 316 20.90 -20.28 1.32
C ALA A 316 20.34 -19.34 2.38
N THR A 317 20.90 -18.14 2.44
CA THR A 317 20.45 -17.14 3.40
C THR A 317 19.07 -16.61 3.01
N LEU A 318 18.54 -15.70 3.83
CA LEU A 318 17.26 -15.09 3.51
C LEU A 318 17.33 -14.31 2.20
N ALA A 319 18.42 -13.56 2.01
CA ALA A 319 18.60 -12.84 0.76
C ALA A 319 18.75 -13.79 -0.43
N GLY A 320 19.07 -15.05 -0.18
CA GLY A 320 19.18 -16.03 -1.25
C GLY A 320 20.60 -16.19 -1.75
N ASP A 321 21.54 -16.39 -0.84
CA ASP A 321 22.95 -16.56 -1.17
C ASP A 321 23.42 -17.91 -0.64
N VAL A 322 24.14 -18.66 -1.47
CA VAL A 322 24.67 -19.95 -1.04
C VAL A 322 25.46 -19.77 0.25
N MET A 323 25.11 -20.56 1.26
CA MET A 323 25.77 -20.46 2.55
C MET A 323 27.12 -21.18 2.51
N ASP A 324 28.01 -20.75 3.40
CA ASP A 324 29.31 -21.38 3.52
C ASP A 324 29.22 -22.68 4.31
N PRO A 325 30.10 -23.64 4.03
CA PRO A 325 30.04 -24.90 4.80
C PRO A 325 30.14 -24.69 6.29
N ALA A 326 30.95 -23.72 6.73
CA ALA A 326 31.08 -23.46 8.16
C ALA A 326 29.74 -23.07 8.77
N GLN A 327 28.91 -22.35 8.00
CA GLN A 327 27.60 -21.97 8.52
C GLN A 327 26.79 -23.20 8.92
N PHE A 328 27.02 -24.34 8.26
CA PHE A 328 26.27 -25.54 8.59
C PHE A 328 26.67 -26.09 9.96
N SER A 329 27.90 -25.83 10.40
CA SER A 329 28.33 -26.31 11.71
C SER A 329 27.50 -25.69 12.82
N THR A 330 27.23 -24.40 12.72
CA THR A 330 26.41 -23.70 13.71
C THR A 330 25.75 -22.50 13.05
N LEU A 331 24.51 -22.21 13.46
CA LEU A 331 23.77 -21.07 12.96
C LEU A 331 23.50 -20.14 14.13
N HIS A 332 23.89 -18.88 13.99
CA HIS A 332 23.71 -17.88 15.03
C HIS A 332 24.41 -18.29 16.32
N LYS A 338 19.42 -19.90 21.46
CA LYS A 338 19.87 -21.20 20.97
C LYS A 338 19.33 -21.50 19.57
N PRO A 339 18.00 -21.53 19.42
CA PRO A 339 17.43 -21.87 18.10
C PRO A 339 17.87 -20.92 17.00
N ALA A 340 17.48 -21.23 15.77
CA ALA A 340 18.01 -20.60 14.57
C ALA A 340 16.94 -19.72 13.91
N GLU A 341 17.27 -19.24 12.70
CA GLU A 341 16.41 -18.31 11.98
C GLU A 341 15.91 -18.94 10.68
N SER A 342 15.29 -18.14 9.82
CA SER A 342 14.75 -18.62 8.55
C SER A 342 15.86 -18.70 7.50
N VAL A 343 15.82 -19.76 6.69
CA VAL A 343 16.76 -19.94 5.59
C VAL A 343 15.95 -20.34 4.35
N THR A 344 16.59 -20.19 3.19
CA THR A 344 15.93 -20.39 1.91
C THR A 344 16.33 -21.74 1.32
N LEU A 345 15.32 -22.51 0.92
CA LEU A 345 15.50 -23.79 0.26
C LEU A 345 14.85 -23.72 -1.13
N VAL A 346 15.44 -24.42 -2.10
CA VAL A 346 15.07 -24.22 -3.49
C VAL A 346 14.69 -25.51 -4.19
N GLY A 347 15.55 -26.53 -4.10
CA GLY A 347 15.45 -27.66 -5.02
C GLY A 347 14.16 -28.43 -4.87
N GLN A 348 13.71 -28.99 -5.99
CA GLN A 348 12.60 -29.95 -6.02
C GLN A 348 11.29 -29.34 -5.57
N LYS A 349 10.20 -30.11 -5.69
CA LYS A 349 8.86 -29.66 -5.29
C LYS A 349 8.53 -30.11 -3.87
N ASP A 350 8.57 -31.41 -3.61
CA ASP A 350 8.20 -31.95 -2.31
C ASP A 350 9.41 -32.30 -1.44
N ALA A 351 10.59 -32.49 -2.04
CA ALA A 351 11.79 -32.72 -1.22
C ALA A 351 12.10 -31.48 -0.38
N VAL A 352 11.88 -30.30 -0.94
CA VAL A 352 12.04 -29.07 -0.18
C VAL A 352 11.09 -29.07 1.02
N SER A 353 9.85 -29.54 0.81
CA SER A 353 8.90 -29.61 1.91
C SER A 353 9.33 -30.65 2.94
N GLU A 354 9.93 -31.75 2.50
CA GLU A 354 10.43 -32.74 3.44
C GLU A 354 11.53 -32.16 4.31
N VAL A 355 12.47 -31.45 3.70
CA VAL A 355 13.51 -30.78 4.48
C VAL A 355 12.90 -29.77 5.42
N GLN A 356 11.88 -29.05 4.96
CA GLN A 356 11.20 -28.08 5.82
C GLN A 356 10.57 -28.76 7.02
N SER A 357 9.91 -29.90 6.79
CA SER A 357 9.29 -30.62 7.90
C SER A 357 10.34 -31.09 8.89
N GLN A 358 11.47 -31.59 8.40
CA GLN A 358 12.57 -31.89 9.30
C GLN A 358 12.97 -30.65 10.09
N LEU A 359 12.97 -29.49 9.43
CA LEU A 359 13.25 -28.21 10.07
C LEU A 359 11.92 -27.60 10.53
N GLY A 360 11.92 -26.30 10.84
CA GLY A 360 10.73 -25.62 11.28
C GLY A 360 9.79 -25.27 10.14
N ARG A 361 8.81 -24.42 10.46
CA ARG A 361 7.72 -24.11 9.55
C ARG A 361 8.08 -22.92 8.65
N LEU A 362 7.15 -22.57 7.76
CA LEU A 362 7.40 -21.54 6.77
C LEU A 362 7.52 -20.17 7.44
N ARG A 363 7.98 -19.21 6.64
CA ARG A 363 8.18 -17.84 7.11
C ARG A 363 7.07 -16.94 6.57
N ALA A 364 7.19 -15.65 6.86
CA ALA A 364 6.21 -14.68 6.39
C ALA A 364 6.16 -14.67 4.87
N ALA A 365 4.95 -14.53 4.34
CA ALA A 365 4.76 -14.51 2.89
C ALA A 365 5.40 -13.31 2.23
N GLU A 366 5.79 -12.29 2.99
CA GLU A 366 6.45 -11.07 2.55
C GLU A 366 5.46 -10.10 1.91
N ASN A 367 4.19 -10.47 1.72
CA ASN A 367 3.23 -9.55 1.12
C ASN A 367 1.86 -9.61 1.79
N ILE A 368 1.73 -10.27 2.94
CA ILE A 368 0.48 -10.35 3.68
C ILE A 368 0.71 -9.74 5.05
N ILE A 369 -0.20 -8.87 5.46
CA ILE A 369 -0.06 -8.08 6.69
C ILE A 369 -1.15 -8.50 7.66
N ASN A 370 -0.74 -8.98 8.83
CA ASN A 370 -1.71 -9.37 9.86
C ASN A 370 -2.30 -8.10 10.45
N TYR A 371 -3.48 -7.71 9.94
CA TYR A 371 -4.08 -6.46 10.37
C TYR A 371 -4.28 -6.40 11.87
N SER A 372 -4.39 -7.55 12.53
CA SER A 372 -4.53 -7.55 13.98
C SER A 372 -3.35 -6.83 14.62
N TRP A 373 -2.14 -7.12 14.15
CA TRP A 373 -0.95 -6.49 14.72
C TRP A 373 -1.00 -4.98 14.55
N PHE A 374 -1.33 -4.51 13.35
CA PHE A 374 -1.35 -3.08 13.08
C PHE A 374 -2.40 -2.37 13.92
N ALA A 375 -3.62 -2.92 13.96
CA ALA A 375 -4.68 -2.30 14.74
C ALA A 375 -4.33 -2.30 16.23
N LEU A 376 -3.79 -3.39 16.74
CA LEU A 376 -3.40 -3.44 18.14
C LEU A 376 -2.32 -2.43 18.44
N GLY A 377 -1.37 -2.25 17.51
CA GLY A 377 -0.35 -1.23 17.72
C GLY A 377 -0.94 0.16 17.82
N ILE A 378 -1.86 0.49 16.92
CA ILE A 378 -2.47 1.82 16.97
C ILE A 378 -3.22 2.01 18.27
N ALA A 379 -4.01 1.01 18.68
CA ALA A 379 -4.80 1.13 19.89
C ALA A 379 -3.91 1.26 21.12
N LEU A 380 -2.84 0.47 21.18
CA LEU A 380 -1.92 0.54 22.31
C LEU A 380 -1.23 1.90 22.36
N SER A 381 -0.89 2.45 21.21
CA SER A 381 -0.30 3.79 21.18
C SER A 381 -1.28 4.81 21.73
N ALA A 382 -2.54 4.75 21.30
CA ALA A 382 -3.53 5.68 21.81
C ALA A 382 -3.67 5.56 23.32
N ALA A 383 -3.68 4.32 23.84
CA ALA A 383 -3.78 4.14 25.28
C ALA A 383 -2.56 4.70 25.99
N LEU A 384 -1.36 4.38 25.51
CA LEU A 384 -0.14 4.85 26.14
C LEU A 384 -0.08 6.36 26.16
N GLY A 385 -0.71 7.03 25.19
CA GLY A 385 -0.66 8.48 25.18
C GLY A 385 -1.21 9.09 26.45
N ILE A 386 -2.27 8.51 27.01
CA ILE A 386 -2.94 9.11 28.16
C ILE A 386 -2.01 9.16 29.36
N VAL A 387 -1.04 8.25 29.45
CA VAL A 387 -0.15 8.22 30.59
C VAL A 387 0.57 9.55 30.70
N GLY A 388 0.62 10.10 31.91
CA GLY A 388 1.26 11.37 32.13
C GLY A 388 1.46 11.63 33.61
N THR A 389 2.21 12.68 33.91
CA THR A 389 2.54 13.04 35.27
C THR A 389 2.46 14.55 35.43
N LYS A 390 2.26 15.00 36.66
CA LYS A 390 2.21 16.41 36.98
C LYS A 390 3.51 16.83 37.62
N VAL A 391 4.14 17.86 37.04
CA VAL A 391 5.38 18.43 37.56
C VAL A 391 5.15 19.91 37.82
N SER A 392 5.27 20.31 39.08
CA SER A 392 5.08 21.71 39.48
C SER A 392 3.72 22.22 39.00
N GLY A 393 2.69 21.38 39.17
CA GLY A 393 1.35 21.75 38.75
C GLY A 393 1.13 21.72 37.25
N VAL A 394 2.05 21.14 36.49
CA VAL A 394 1.97 21.07 35.03
C VAL A 394 1.66 19.62 34.66
N PRO A 395 0.43 19.30 34.22
CA PRO A 395 0.12 17.91 33.79
C PRO A 395 0.68 17.58 32.41
N ILE A 396 1.95 17.18 32.38
CA ILE A 396 2.62 16.85 31.13
C ILE A 396 2.34 15.39 30.78
N ALA A 397 1.89 15.15 29.56
CA ALA A 397 1.60 13.82 29.06
C ALA A 397 2.34 13.60 27.75
N LEU A 398 2.65 12.33 27.46
CA LEU A 398 3.43 12.01 26.28
C LEU A 398 2.71 12.36 24.99
N GLY A 399 1.38 12.42 25.01
CA GLY A 399 0.63 12.73 23.81
C GLY A 399 0.35 11.49 22.96
N GLY A 400 -0.26 11.74 21.81
CA GLY A 400 -0.63 10.66 20.90
C GLY A 400 0.43 10.39 19.85
N GLY A 401 0.84 11.42 19.12
CA GLY A 401 1.78 11.22 18.03
C GLY A 401 3.11 10.67 18.51
N THR A 402 3.63 11.19 19.61
CA THR A 402 4.89 10.69 20.14
C THR A 402 4.77 9.24 20.55
N ALA A 403 3.65 8.87 21.18
CA ALA A 403 3.46 7.48 21.56
C ALA A 403 3.41 6.58 20.34
N SER A 404 2.74 7.02 19.27
CA SER A 404 2.69 6.23 18.05
C SER A 404 4.08 6.07 17.45
N LEU A 405 4.88 7.14 17.47
CA LEU A 405 6.24 7.03 16.94
C LEU A 405 7.05 6.03 17.75
N ILE A 406 6.93 6.07 19.08
CA ILE A 406 7.67 5.13 19.92
C ILE A 406 7.22 3.71 19.64
N VAL A 407 5.91 3.50 19.50
CA VAL A 407 5.40 2.16 19.22
C VAL A 407 5.92 1.66 17.89
N GLY A 408 5.93 2.53 16.88
CA GLY A 408 6.48 2.12 15.60
C GLY A 408 7.94 1.72 15.70
N LEU A 409 8.73 2.52 16.41
CA LEU A 409 10.15 2.21 16.57
C LEU A 409 10.32 0.85 17.24
N VAL A 410 9.64 0.63 18.37
CA VAL A 410 9.83 -0.60 19.12
C VAL A 410 9.34 -1.80 18.32
N GLN A 411 8.20 -1.65 17.62
CA GLN A 411 7.69 -2.76 16.82
C GLN A 411 8.64 -3.11 15.69
N SER A 412 9.17 -2.10 15.00
CA SER A 412 10.12 -2.40 13.92
C SER A 412 11.36 -3.07 14.46
N ILE A 413 11.90 -2.59 15.58
CA ILE A 413 13.07 -3.23 16.16
C ILE A 413 12.77 -4.66 16.55
N TYR A 414 11.54 -4.92 17.00
CA TYR A 414 11.11 -6.27 17.32
C TYR A 414 10.68 -6.99 16.05
N ARG A 415 11.54 -7.01 15.04
CA ARG A 415 11.31 -7.77 13.82
C ARG A 415 12.66 -8.11 13.21
N ASP A 416 12.71 -9.24 12.51
CA ASP A 416 13.90 -9.89 12.00
C ASP A 416 14.68 -10.59 13.09
N LYS A 417 14.32 -10.39 14.37
CA LYS A 417 14.79 -11.25 15.45
C LYS A 417 13.84 -12.38 15.71
N HIS A 418 12.54 -12.14 15.51
CA HIS A 418 11.52 -13.18 15.45
C HIS A 418 10.78 -12.93 14.13
N ALA A 419 11.31 -13.48 13.04
CA ALA A 419 10.75 -13.26 11.71
C ALA A 419 9.59 -14.22 11.48
N HIS A 420 8.51 -13.97 12.23
CA HIS A 420 7.36 -14.85 12.25
C HIS A 420 6.04 -14.09 12.13
N MET A 421 6.07 -12.79 11.83
CA MET A 421 4.86 -11.99 11.78
C MET A 421 4.53 -11.50 10.38
N ASP A 422 5.41 -10.72 9.76
CA ASP A 422 5.07 -10.12 8.47
C ASP A 422 6.24 -9.26 8.00
N THR A 423 6.09 -8.72 6.79
CA THR A 423 6.94 -7.64 6.27
C THR A 423 6.01 -6.65 5.60
N ILE A 424 5.62 -5.60 6.32
CA ILE A 424 4.60 -4.70 5.79
C ILE A 424 5.06 -4.15 4.45
N PRO A 425 4.17 -3.99 3.46
CA PRO A 425 4.60 -3.45 2.18
C PRO A 425 5.21 -2.07 2.33
N ASP A 426 6.17 -1.78 1.46
CA ASP A 426 6.84 -0.48 1.44
C ASP A 426 6.09 0.55 0.59
N SER A 427 5.01 0.16 -0.07
CA SER A 427 4.20 1.08 -0.85
C SER A 427 2.99 1.59 -0.07
N LEU A 428 2.88 1.25 1.21
CA LEU A 428 1.78 1.67 2.07
C LEU A 428 2.19 2.73 3.08
N LEU A 429 3.37 2.59 3.68
CA LEU A 429 3.85 3.61 4.59
C LEU A 429 4.02 4.95 3.89
N GLU A 430 4.47 4.91 2.63
CA GLU A 430 4.63 6.15 1.89
C GLU A 430 3.30 6.87 1.74
N PHE A 431 2.26 6.15 1.33
CA PHE A 431 0.94 6.76 1.21
C PHE A 431 0.46 7.28 2.55
N PHE A 432 0.64 6.50 3.61
CA PHE A 432 0.19 6.94 4.93
C PHE A 432 0.85 8.26 5.32
N GLN A 433 2.17 8.32 5.23
CA GLN A 433 2.90 9.49 5.68
C GLN A 433 2.88 10.63 4.68
N SER A 434 2.31 10.42 3.50
CA SER A 434 2.08 11.51 2.57
C SER A 434 0.63 11.98 2.52
N ILE A 435 -0.29 11.24 3.14
CA ILE A 435 -1.70 11.61 3.14
C ILE A 435 -2.16 12.10 4.50
N GLY A 436 -1.74 11.45 5.58
CA GLY A 436 -2.28 11.79 6.89
C GLY A 436 -1.96 13.21 7.32
N LEU A 437 -0.70 13.61 7.17
CA LEU A 437 -0.32 14.95 7.59
C LEU A 437 -1.04 16.01 6.77
N ASN A 438 -1.14 15.80 5.46
CA ASN A 438 -1.82 16.77 4.63
C ASN A 438 -3.31 16.85 4.96
N LEU A 439 -3.94 15.72 5.26
CA LEU A 439 -5.34 15.76 5.67
C LEU A 439 -5.52 16.54 6.96
N PHE A 440 -4.66 16.29 7.94
CA PHE A 440 -4.75 17.03 9.19
C PHE A 440 -4.57 18.53 8.97
N ILE A 441 -3.58 18.89 8.15
CA ILE A 441 -3.31 20.30 7.89
C ILE A 441 -4.50 20.95 7.18
N ALA A 442 -5.09 20.24 6.21
CA ALA A 442 -6.23 20.79 5.50
C ALA A 442 -7.39 21.02 6.45
N THR A 443 -7.65 20.06 7.34
CA THR A 443 -8.73 20.24 8.31
C THR A 443 -8.49 21.46 9.17
N VAL A 444 -7.27 21.60 9.70
CA VAL A 444 -6.97 22.73 10.59
C VAL A 444 -7.12 24.04 9.83
N GLY A 445 -6.56 24.11 8.63
CA GLY A 445 -6.66 25.34 7.85
C GLY A 445 -8.09 25.71 7.52
N LEU A 446 -8.90 24.73 7.16
CA LEU A 446 -10.31 25.00 6.89
C LEU A 446 -10.99 25.56 8.12
N SER A 447 -10.73 24.95 9.29
CA SER A 447 -11.37 25.44 10.52
C SER A 447 -10.96 26.87 10.82
N ALA A 448 -9.66 27.15 10.77
CA ALA A 448 -9.14 28.46 11.18
C ALA A 448 -8.90 29.33 9.94
N ALA A 449 -10.01 29.67 9.27
CA ALA A 449 -9.93 30.47 8.06
C ALA A 449 -10.88 31.67 8.13
N LYS A 450 -12.00 31.52 8.83
CA LYS A 450 -13.00 32.58 8.85
C LYS A 450 -12.44 33.84 9.48
N THR A 451 -11.71 33.71 10.58
CA THR A 451 -11.18 34.85 11.32
C THR A 451 -9.73 35.14 11.00
N PHE A 452 -9.18 34.50 9.96
CA PHE A 452 -7.76 34.69 9.64
C PHE A 452 -7.46 36.14 9.26
N ILE A 453 -8.32 36.74 8.45
CA ILE A 453 -8.07 38.11 8.01
C ILE A 453 -8.10 39.08 9.18
N SER A 454 -9.09 38.94 10.07
CA SER A 454 -9.15 39.79 11.25
C SER A 454 -7.95 39.56 12.16
N ALA A 455 -7.54 38.30 12.30
CA ALA A 455 -6.39 38.00 13.15
C ALA A 455 -5.12 38.64 12.61
N ILE A 456 -4.91 38.58 11.29
CA ILE A 456 -3.71 39.20 10.73
C ILE A 456 -3.81 40.72 10.84
N GLN A 457 -5.01 41.28 10.67
CA GLN A 457 -5.17 42.72 10.79
C GLN A 457 -4.83 43.18 12.20
N SER A 458 -5.28 42.45 13.22
CA SER A 458 -5.04 42.85 14.60
C SER A 458 -3.62 42.54 15.03
N MET A 459 -3.26 41.26 15.06
CA MET A 459 -1.91 40.82 15.37
C MET A 459 -1.20 40.59 14.04
N GLY A 460 -0.31 41.52 13.68
CA GLY A 460 0.31 41.51 12.37
C GLY A 460 1.78 41.17 12.38
N ILE A 461 2.61 42.17 12.04
CA ILE A 461 4.03 41.92 11.82
C ILE A 461 4.70 41.41 13.10
N SER A 462 4.14 41.74 14.26
CA SER A 462 4.76 41.36 15.52
C SER A 462 4.92 39.84 15.66
N VAL A 463 4.13 39.07 14.93
CA VAL A 463 4.12 37.62 15.07
C VAL A 463 5.00 36.94 14.03
N LEU A 464 4.90 37.36 12.77
CA LEU A 464 5.63 36.66 11.70
C LEU A 464 7.14 36.73 11.91
N LEU A 465 7.65 37.91 12.27
CA LEU A 465 9.09 38.06 12.45
C LEU A 465 9.60 37.23 13.62
N ILE A 466 8.84 37.20 14.72
CA ILE A 466 9.25 36.38 15.85
C ILE A 466 9.29 34.91 15.45
N GLY A 467 8.28 34.46 14.69
CA GLY A 467 8.29 33.09 14.21
C GLY A 467 9.49 32.79 13.34
N ALA A 468 9.81 33.70 12.42
CA ALA A 468 10.95 33.49 11.55
C ALA A 468 12.25 33.40 12.34
N VAL A 469 12.45 34.30 13.30
CA VAL A 469 13.68 34.28 14.07
C VAL A 469 13.78 33.02 14.90
N ILE A 470 12.69 32.63 15.56
CA ILE A 470 12.76 31.41 16.38
C ILE A 470 12.96 30.19 15.50
N SER A 471 12.49 30.23 14.25
CA SER A 471 12.70 29.11 13.35
C SER A 471 14.12 29.04 12.81
N ILE A 472 14.78 30.18 12.60
CA ILE A 472 16.07 30.23 11.93
C ILE A 472 17.24 30.25 12.91
N LEU A 473 17.24 31.20 13.84
CA LEU A 473 18.45 31.46 14.63
C LEU A 473 19.02 30.23 15.32
N PRO A 474 18.23 29.36 15.95
CA PRO A 474 18.84 28.17 16.59
C PRO A 474 19.65 27.32 15.62
N HIS A 475 19.18 27.21 14.37
CA HIS A 475 19.92 26.44 13.38
C HIS A 475 21.30 27.07 13.13
N ILE A 476 21.35 28.38 12.98
CA ILE A 476 22.63 29.05 12.77
C ILE A 476 23.55 28.84 13.97
N ILE A 477 23.00 28.98 15.18
CA ILE A 477 23.82 28.82 16.37
C ILE A 477 24.43 27.42 16.42
N THR A 478 23.60 26.39 16.23
CA THR A 478 24.12 25.03 16.30
C THR A 478 25.11 24.78 15.16
N PHE A 479 24.84 25.32 13.97
CA PHE A 479 25.76 25.15 12.86
C PHE A 479 27.13 25.70 13.19
N VAL A 480 27.19 26.94 13.68
CA VAL A 480 28.50 27.52 13.99
C VAL A 480 29.19 26.75 15.09
N ILE A 481 28.45 26.41 16.16
CA ILE A 481 29.08 25.74 17.30
C ILE A 481 29.64 24.39 16.88
N CYS A 482 28.93 23.68 16.01
CA CYS A 482 29.35 22.34 15.62
C CYS A 482 30.39 22.33 14.51
N TYR A 483 30.45 23.38 13.68
CA TYR A 483 31.35 23.40 12.54
C TYR A 483 32.67 24.09 12.83
N TYR A 484 32.63 25.25 13.49
CA TYR A 484 33.86 26.01 13.72
C TYR A 484 34.54 25.66 15.03
N LEU A 485 33.79 25.28 16.06
CA LEU A 485 34.38 24.95 17.35
C LEU A 485 34.63 23.45 17.48
N MET A 486 33.56 22.64 17.40
CA MET A 486 33.73 21.20 17.52
C MET A 486 34.28 20.57 16.25
N LYS A 487 33.95 21.13 15.08
CA LYS A 487 34.45 20.64 13.80
C LYS A 487 34.09 19.17 13.59
N MET A 488 32.79 18.91 13.52
CA MET A 488 32.30 17.59 13.18
C MET A 488 32.36 17.38 11.68
N GLU A 489 32.05 16.17 11.23
CA GLU A 489 32.06 15.89 9.81
C GLU A 489 30.98 16.71 9.11
N PRO A 490 31.20 17.08 7.84
CA PRO A 490 30.25 17.99 7.18
C PRO A 490 28.82 17.47 7.16
N ILE A 491 28.60 16.27 6.64
CA ILE A 491 27.24 15.82 6.35
C ILE A 491 26.46 15.57 7.64
N SER A 492 27.13 15.16 8.72
CA SER A 492 26.41 14.87 9.95
C SER A 492 25.72 16.10 10.50
N ILE A 493 26.23 17.30 10.20
CA ILE A 493 25.58 18.51 10.65
C ILE A 493 24.19 18.62 10.02
N ILE A 494 24.08 18.34 8.73
CA ILE A 494 22.78 18.33 8.08
C ILE A 494 21.95 17.15 8.59
N GLY A 495 22.59 16.01 8.82
CA GLY A 495 21.87 14.86 9.34
C GLY A 495 21.16 15.19 10.64
N ALA A 496 21.85 15.85 11.55
CA ALA A 496 21.20 16.48 12.69
C ALA A 496 20.60 17.81 12.24
N GLN A 497 19.86 18.43 13.15
CA GLN A 497 19.23 19.72 12.88
C GLN A 497 18.07 19.57 11.89
N THR A 498 17.90 18.37 11.34
CA THR A 498 16.73 18.03 10.55
C THR A 498 15.90 16.94 11.20
N GLY A 499 16.44 16.24 12.19
CA GLY A 499 15.66 15.35 13.02
C GLY A 499 15.26 16.04 14.31
N ALA A 500 16.18 16.83 14.88
CA ALA A 500 15.84 17.62 16.06
C ALA A 500 14.76 18.64 15.74
N ASP A 501 14.86 19.28 14.57
CA ASP A 501 13.82 20.20 14.13
C ASP A 501 12.57 19.47 13.66
N THR A 502 12.66 18.18 13.39
CA THR A 502 11.52 17.34 13.04
C THR A 502 10.77 17.92 11.83
N LEU A 503 11.45 17.94 10.69
CA LEU A 503 10.84 18.30 9.42
C LEU A 503 11.15 17.22 8.40
N SER A 504 10.10 16.65 7.80
CA SER A 504 10.24 15.50 6.93
C SER A 504 10.44 15.87 5.46
N ALA A 505 9.98 17.05 5.05
CA ALA A 505 10.20 17.48 3.69
C ALA A 505 11.69 17.60 3.39
N ALA A 506 12.45 18.17 4.33
CA ALA A 506 13.90 18.26 4.16
C ALA A 506 14.52 16.87 4.09
N LEU A 507 14.07 15.96 4.97
CA LEU A 507 14.58 14.60 4.94
C LEU A 507 14.40 13.98 3.57
N ASN A 508 13.16 14.01 3.05
CA ASN A 508 12.89 13.39 1.77
C ASN A 508 13.68 14.04 0.64
N ASP A 509 13.71 15.38 0.62
CA ASP A 509 14.43 16.07 -0.45
C ASP A 509 15.91 15.75 -0.43
N VAL A 510 16.53 15.76 0.76
CA VAL A 510 17.95 15.48 0.86
C VAL A 510 18.24 14.04 0.48
N SER A 511 17.37 13.11 0.89
CA SER A 511 17.58 11.71 0.51
C SER A 511 17.52 11.55 -0.99
N GLU A 512 16.53 12.18 -1.63
CA GLU A 512 16.42 12.07 -3.08
C GLU A 512 17.65 12.66 -3.77
N ARG A 513 18.10 13.83 -3.30
CA ARG A 513 19.27 14.45 -3.92
C ARG A 513 20.52 13.60 -3.74
N VAL A 514 20.73 13.06 -2.53
CA VAL A 514 21.92 12.29 -2.26
C VAL A 514 21.93 11.00 -3.06
N GLY A 515 20.78 10.34 -3.16
CA GLY A 515 20.67 9.12 -3.94
C GLY A 515 20.70 7.87 -3.09
N SER A 516 20.56 6.73 -3.77
CA SER A 516 20.47 5.45 -3.07
C SER A 516 21.76 5.12 -2.34
N ASP A 517 22.91 5.41 -2.96
CA ASP A 517 24.19 4.98 -2.41
C ASP A 517 24.35 5.43 -0.96
N ALA A 518 24.15 6.72 -0.70
CA ALA A 518 24.33 7.27 0.63
C ALA A 518 23.00 7.52 1.35
N SER A 519 21.89 7.11 0.75
CA SER A 519 20.60 7.28 1.42
C SER A 519 20.53 6.53 2.74
N PRO A 520 20.96 5.27 2.84
CA PRO A 520 20.99 4.63 4.17
C PRO A 520 21.85 5.37 5.16
N PHE A 521 22.99 5.91 4.72
CA PHE A 521 23.85 6.64 5.64
C PHE A 521 23.16 7.89 6.15
N PHE A 522 22.49 8.64 5.28
CA PHE A 522 21.76 9.82 5.73
C PHE A 522 20.63 9.43 6.68
N ALA A 523 19.93 8.34 6.37
CA ALA A 523 18.85 7.89 7.25
C ALA A 523 19.39 7.55 8.63
N ALA A 524 20.55 6.88 8.69
CA ALA A 524 21.16 6.60 9.98
C ALA A 524 21.55 7.88 10.70
N ALA A 525 22.13 8.84 9.97
CA ALA A 525 22.55 10.08 10.60
C ALA A 525 21.36 10.85 11.17
N VAL A 526 20.19 10.70 10.57
CA VAL A 526 19.03 11.48 11.01
C VAL A 526 18.14 10.74 12.00
N ALA A 527 18.16 9.41 12.03
CA ALA A 527 17.20 8.68 12.84
C ALA A 527 17.30 8.98 14.33
N PRO A 528 18.47 8.91 14.97
CA PRO A 528 18.50 9.04 16.43
C PRO A 528 17.95 10.35 16.95
N ALA A 529 18.05 11.42 16.16
CA ALA A 529 17.60 12.73 16.62
C ALA A 529 16.08 12.84 16.63
N TYR A 530 15.39 12.06 15.80
CA TYR A 530 13.97 12.27 15.59
C TYR A 530 13.18 12.05 16.88
N ALA A 531 13.43 10.93 17.56
CA ALA A 531 12.64 10.61 18.75
C ALA A 531 12.87 11.64 19.86
N ILE A 532 14.13 11.97 20.12
CA ILE A 532 14.45 12.93 21.16
C ILE A 532 13.83 14.28 20.84
N GLY A 533 13.97 14.73 19.59
CA GLY A 533 13.38 15.99 19.21
C GLY A 533 11.88 15.99 19.39
N ASN A 534 11.21 14.93 18.94
CA ASN A 534 9.77 14.86 19.09
C ASN A 534 9.37 14.98 20.56
N ILE A 535 9.98 14.17 21.43
CA ILE A 535 9.56 14.16 22.82
C ILE A 535 9.78 15.53 23.46
N PHE A 536 10.99 16.08 23.31
CA PHE A 536 11.30 17.31 24.02
C PHE A 536 10.54 18.50 23.44
N LEU A 537 10.42 18.57 22.12
CA LEU A 537 9.68 19.66 21.51
C LEU A 537 8.19 19.59 21.84
N THR A 538 7.64 18.38 21.99
CA THR A 538 6.26 18.26 22.42
C THR A 538 6.09 18.72 23.86
N LEU A 539 7.02 18.33 24.74
CA LEU A 539 6.93 18.78 26.13
C LEU A 539 7.17 20.27 26.28
N MET A 540 7.86 20.90 25.33
CA MET A 540 8.21 22.31 25.45
C MET A 540 7.03 23.25 25.31
N GLY A 541 5.86 22.77 24.89
CA GLY A 541 4.71 23.62 24.73
C GLY A 541 4.04 23.93 26.06
N PRO A 542 3.59 22.88 26.75
CA PRO A 542 2.98 23.11 28.07
C PRO A 542 3.88 23.85 29.03
N ILE A 543 5.18 23.59 29.01
CA ILE A 543 6.10 24.30 29.89
C ILE A 543 6.06 25.78 29.59
N PHE A 544 6.09 26.15 28.32
CA PHE A 544 6.04 27.56 27.95
C PHE A 544 4.71 28.18 28.39
N ILE A 545 3.62 27.45 28.21
CA ILE A 545 2.31 27.97 28.61
C ILE A 545 2.31 28.26 30.11
N VAL A 546 2.83 27.32 30.89
CA VAL A 546 2.85 27.51 32.34
C VAL A 546 3.74 28.67 32.72
N LEU A 547 4.92 28.77 32.11
CA LEU A 547 5.85 29.83 32.48
C LEU A 547 5.30 31.21 32.14
N LEU A 548 4.71 31.36 30.95
CA LEU A 548 4.28 32.66 30.49
C LEU A 548 2.82 32.98 30.84
N SER A 549 2.11 32.05 31.48
CA SER A 549 0.73 32.31 31.88
C SER A 549 0.69 33.37 32.97
N MET B 1 -13.69 -1.04 37.18
CA MET B 1 -15.10 -1.53 37.21
C MET B 1 -16.01 -0.59 36.43
N ASN B 2 -16.16 0.63 36.93
CA ASN B 2 -16.97 1.65 36.26
C ASN B 2 -16.13 2.70 35.56
N ALA B 3 -14.92 2.96 36.03
CA ALA B 3 -14.04 3.92 35.38
C ALA B 3 -13.63 3.45 33.99
N ILE B 4 -13.75 2.16 33.70
CA ILE B 4 -13.43 1.67 32.37
C ILE B 4 -14.38 2.28 31.35
N GLY B 5 -15.64 2.45 31.73
CA GLY B 5 -16.58 3.11 30.83
C GLY B 5 -16.16 4.53 30.51
N ASN B 6 -15.75 5.28 31.54
CA ASN B 6 -15.28 6.64 31.29
C ASN B 6 -14.06 6.65 30.40
N PHE B 7 -13.12 5.72 30.64
CA PHE B 7 -11.92 5.66 29.82
C PHE B 7 -12.26 5.38 28.36
N LEU B 8 -13.14 4.39 28.12
CA LEU B 8 -13.51 4.05 26.76
C LEU B 8 -14.22 5.22 26.08
N VAL B 9 -15.10 5.90 26.80
CA VAL B 9 -15.78 7.06 26.23
C VAL B 9 -14.78 8.16 25.92
N GLY B 10 -13.74 8.29 26.73
CA GLY B 10 -12.75 9.34 26.55
C GLY B 10 -11.63 9.05 25.58
N THR B 11 -11.50 7.81 25.11
CA THR B 11 -10.46 7.45 24.14
C THR B 11 -11.09 6.73 22.96
N PRO B 12 -11.78 7.46 22.08
CA PRO B 12 -12.45 6.81 20.94
C PRO B 12 -11.51 6.03 20.05
N VAL B 13 -10.29 6.52 19.83
CA VAL B 13 -9.35 5.79 18.98
C VAL B 13 -9.04 4.43 19.58
N PHE B 14 -8.77 4.40 20.88
CA PHE B 14 -8.50 3.14 21.55
C PHE B 14 -9.69 2.20 21.43
N THR B 15 -10.90 2.71 21.68
CA THR B 15 -12.08 1.86 21.57
C THR B 15 -12.21 1.26 20.18
N ILE B 16 -12.18 2.12 19.15
CA ILE B 16 -12.43 1.64 17.79
C ILE B 16 -11.37 0.65 17.38
N PHE B 17 -10.10 0.95 17.64
CA PHE B 17 -9.01 0.11 17.16
C PHE B 17 -8.71 -1.07 18.07
N ILE B 18 -9.38 -1.17 19.22
CA ILE B 18 -9.41 -2.45 19.94
C ILE B 18 -10.61 -3.27 19.51
N CYS B 19 -11.63 -2.64 18.92
CA CYS B 19 -12.69 -3.41 18.26
C CYS B 19 -12.23 -4.04 16.96
N LEU B 20 -11.03 -3.72 16.48
CA LEU B 20 -10.54 -4.21 15.20
C LEU B 20 -9.52 -5.33 15.31
N ALA B 21 -8.91 -5.53 16.48
CA ALA B 21 -7.92 -6.59 16.63
C ALA B 21 -8.56 -7.89 17.10
N LEU B 22 -9.33 -7.82 18.19
CA LEU B 22 -10.04 -8.99 18.66
C LEU B 22 -11.02 -9.50 17.61
N GLY B 23 -11.57 -8.59 16.80
CA GLY B 23 -12.46 -9.03 15.74
C GLY B 23 -11.76 -9.90 14.72
N TYR B 24 -10.57 -9.47 14.29
CA TYR B 24 -9.81 -10.27 13.33
C TYR B 24 -9.36 -11.58 13.94
N LEU B 25 -8.96 -11.56 15.21
CA LEU B 25 -8.58 -12.80 15.88
C LEU B 25 -9.76 -13.78 15.89
N LEU B 26 -10.94 -13.29 16.26
CA LEU B 26 -12.12 -14.15 16.29
C LEU B 26 -12.43 -14.68 14.90
N GLY B 27 -12.34 -13.82 13.88
CA GLY B 27 -12.62 -14.26 12.53
C GLY B 27 -11.68 -15.36 12.09
N LYS B 28 -10.40 -15.26 12.43
CA LYS B 28 -9.46 -16.31 12.10
C LYS B 28 -9.63 -17.55 12.97
N LEU B 29 -10.27 -17.41 14.12
CA LEU B 29 -10.48 -18.56 14.99
C LEU B 29 -11.25 -19.65 14.28
N LYS B 30 -10.77 -20.89 14.40
CA LYS B 30 -11.36 -22.06 13.74
C LYS B 30 -11.57 -23.14 14.80
N ILE B 31 -12.83 -23.45 15.08
CA ILE B 31 -13.17 -24.45 16.09
C ILE B 31 -14.13 -25.47 15.49
N GLY B 32 -14.02 -25.69 14.18
CA GLY B 32 -14.94 -26.56 13.48
C GLY B 32 -16.25 -25.91 13.10
N SER B 33 -16.39 -24.60 13.32
CA SER B 33 -17.58 -23.85 12.94
C SER B 33 -17.43 -23.18 11.59
N PHE B 34 -16.61 -23.73 10.70
CA PHE B 34 -16.38 -23.16 9.37
C PHE B 34 -15.92 -21.71 9.49
N THR B 35 -15.09 -21.44 10.50
CA THR B 35 -14.63 -20.08 10.79
C THR B 35 -15.83 -19.17 11.03
N LEU B 36 -15.58 -17.89 11.21
CA LEU B 36 -16.65 -16.92 11.41
C LEU B 36 -16.59 -15.77 10.42
N GLY B 37 -15.41 -15.28 10.09
CA GLY B 37 -15.28 -14.15 9.19
C GLY B 37 -14.89 -12.89 9.96
N ALA B 38 -14.01 -12.09 9.36
CA ALA B 38 -13.49 -10.92 10.04
C ALA B 38 -14.61 -9.93 10.35
N THR B 39 -15.50 -9.68 9.39
CA THR B 39 -16.56 -8.70 9.60
C THR B 39 -17.49 -9.14 10.73
N VAL B 40 -17.89 -10.41 10.72
CA VAL B 40 -18.79 -10.90 11.77
C VAL B 40 -18.11 -10.84 13.12
N GLY B 41 -16.83 -11.21 13.19
CA GLY B 41 -16.12 -11.13 14.45
C GLY B 41 -16.04 -9.71 14.97
N VAL B 42 -15.75 -8.75 14.08
CA VAL B 42 -15.68 -7.36 14.49
C VAL B 42 -17.04 -6.90 15.01
N LEU B 43 -18.11 -7.28 14.30
CA LEU B 43 -19.44 -6.89 14.73
C LEU B 43 -19.76 -7.44 16.12
N ILE B 44 -19.43 -8.72 16.35
CA ILE B 44 -19.74 -9.34 17.63
C ILE B 44 -18.95 -8.67 18.75
N VAL B 45 -17.66 -8.41 18.52
CA VAL B 45 -16.85 -7.78 19.56
C VAL B 45 -17.35 -6.37 19.84
N ALA B 46 -17.74 -5.63 18.80
CA ALA B 46 -18.27 -4.29 19.00
C ALA B 46 -19.55 -4.33 19.81
N LEU B 47 -20.45 -5.28 19.50
CA LEU B 47 -21.68 -5.39 20.27
C LEU B 47 -21.38 -5.71 21.72
N LEU B 48 -20.44 -6.62 21.96
CA LEU B 48 -20.12 -6.99 23.35
C LEU B 48 -19.52 -5.82 24.11
N ILE B 49 -18.61 -5.07 23.48
CA ILE B 49 -17.93 -3.99 24.19
C ILE B 49 -18.78 -2.74 24.31
N GLY B 50 -19.82 -2.59 23.49
CA GLY B 50 -20.67 -1.42 23.59
C GLY B 50 -21.51 -1.37 24.84
N GLN B 51 -21.62 -2.49 25.57
CA GLN B 51 -22.46 -2.53 26.76
C GLN B 51 -21.86 -1.80 27.94
N LEU B 52 -20.59 -1.42 27.88
CA LEU B 52 -19.91 -0.81 29.02
C LEU B 52 -20.05 0.70 29.04
N GLY B 53 -20.75 1.29 28.08
CA GLY B 53 -20.90 2.73 28.07
C GLY B 53 -21.85 3.18 26.99
N VAL B 54 -21.75 4.46 26.66
CA VAL B 54 -22.57 5.08 25.63
C VAL B 54 -21.63 5.84 24.71
N PHE B 55 -21.46 5.37 23.48
CA PHE B 55 -20.58 6.00 22.50
C PHE B 55 -21.39 6.46 21.31
N PRO B 56 -21.49 7.76 21.03
CA PRO B 56 -22.14 8.20 19.79
C PRO B 56 -21.29 7.88 18.57
N ARG B 57 -21.95 7.87 17.41
CA ARG B 57 -21.32 7.48 16.16
C ARG B 57 -21.02 8.71 15.32
N ASP B 58 -19.83 8.72 14.73
CA ASP B 58 -19.37 9.83 13.89
C ASP B 58 -19.60 9.46 12.43
N THR B 59 -20.32 10.30 11.71
CA THR B 59 -20.71 9.98 10.34
C THR B 59 -19.55 10.15 9.36
N LEU B 60 -18.74 11.19 9.55
CA LEU B 60 -17.74 11.53 8.55
C LEU B 60 -16.68 10.44 8.40
N LEU B 61 -16.20 9.91 9.52
CA LEU B 61 -15.18 8.87 9.47
C LEU B 61 -15.68 7.64 8.72
N GLY B 62 -16.88 7.18 9.07
CA GLY B 62 -17.46 6.04 8.39
C GLY B 62 -17.64 6.30 6.91
N ASP B 63 -18.14 7.49 6.57
CA ASP B 63 -18.35 7.80 5.15
C ASP B 63 -17.04 7.77 4.39
N ILE B 64 -15.99 8.37 4.95
CA ILE B 64 -14.71 8.42 4.24
C ILE B 64 -14.17 7.01 4.03
N PHE B 65 -14.20 6.18 5.07
CA PHE B 65 -13.60 4.86 4.95
C PHE B 65 -14.42 3.96 4.03
N PHE B 66 -15.75 4.07 4.09
CA PHE B 66 -16.58 3.31 3.17
C PHE B 66 -16.35 3.76 1.73
N ASP B 67 -16.13 5.06 1.52
CA ASP B 67 -15.83 5.54 0.18
C ASP B 67 -14.52 4.96 -0.32
N PHE B 68 -13.52 4.89 0.55
CA PHE B 68 -12.25 4.25 0.18
C PHE B 68 -12.48 2.80 -0.22
N PHE B 69 -13.27 2.07 0.58
CA PHE B 69 -13.53 0.67 0.29
C PHE B 69 -14.20 0.51 -1.07
N MET B 70 -15.23 1.31 -1.34
CA MET B 70 -15.94 1.20 -2.60
C MET B 70 -15.04 1.54 -3.78
N PHE B 71 -14.21 2.59 -3.63
CA PHE B 71 -13.30 2.96 -4.69
C PHE B 71 -12.30 1.84 -4.98
N ALA B 72 -11.78 1.21 -3.93
CA ALA B 72 -10.84 0.12 -4.12
C ALA B 72 -11.51 -1.04 -4.85
N ILE B 73 -12.72 -1.40 -4.45
CA ILE B 73 -13.43 -2.50 -5.11
C ILE B 73 -13.63 -2.18 -6.58
N GLY B 74 -14.07 -0.96 -6.87
CA GLY B 74 -14.29 -0.58 -8.25
C GLY B 74 -13.02 -0.63 -9.07
N TYR B 75 -11.92 -0.14 -8.51
CA TYR B 75 -10.65 -0.17 -9.24
C TYR B 75 -10.20 -1.60 -9.50
N ARG B 76 -10.37 -2.48 -8.52
CA ARG B 76 -9.98 -3.87 -8.71
C ARG B 76 -10.83 -4.54 -9.79
N VAL B 77 -12.13 -4.24 -9.82
CA VAL B 77 -13.02 -4.91 -10.75
C VAL B 77 -13.00 -4.30 -12.14
N GLY B 78 -12.50 -3.07 -12.29
CA GLY B 78 -12.52 -2.38 -13.56
C GLY B 78 -12.05 -3.19 -14.75
N PRO B 79 -10.78 -3.56 -14.77
CA PRO B 79 -10.22 -4.15 -15.99
C PRO B 79 -10.94 -5.39 -16.47
N SER B 80 -11.43 -6.22 -15.55
CA SER B 80 -12.12 -7.45 -15.93
C SER B 80 -13.53 -7.20 -16.44
N PHE B 81 -14.16 -6.10 -16.04
CA PHE B 81 -15.54 -5.84 -16.44
C PHE B 81 -15.66 -5.74 -17.95
N ILE B 82 -14.77 -4.98 -18.58
CA ILE B 82 -14.86 -4.80 -20.03
C ILE B 82 -14.62 -6.12 -20.74
N SER B 83 -13.64 -6.89 -20.29
CA SER B 83 -13.35 -8.16 -20.93
C SER B 83 -14.54 -9.11 -20.82
N SER B 84 -15.16 -9.19 -19.65
CA SER B 84 -16.31 -10.07 -19.49
C SER B 84 -17.48 -9.61 -20.35
N MET B 85 -17.74 -8.31 -20.40
CA MET B 85 -18.81 -7.83 -21.27
C MET B 85 -18.51 -8.16 -22.72
N LYS B 86 -17.24 -8.11 -23.11
CA LYS B 86 -16.88 -8.40 -24.49
C LYS B 86 -17.09 -9.87 -24.83
N LYS B 87 -16.61 -10.76 -23.97
CA LYS B 87 -16.66 -12.19 -24.28
C LYS B 87 -17.95 -12.83 -23.78
N PHE B 88 -18.20 -12.77 -22.48
CA PHE B 88 -19.43 -13.33 -21.93
C PHE B 88 -20.65 -12.62 -22.52
N GLY B 89 -21.71 -13.38 -22.73
CA GLY B 89 -22.95 -12.84 -23.24
C GLY B 89 -23.77 -12.18 -22.14
N ALA B 90 -24.98 -11.78 -22.53
CA ALA B 90 -25.89 -11.12 -21.60
C ALA B 90 -26.47 -12.06 -20.56
N LYS B 91 -26.02 -13.32 -20.51
CA LYS B 91 -26.57 -14.24 -19.51
C LYS B 91 -26.35 -13.72 -18.10
N ILE B 92 -25.21 -13.06 -17.85
CA ILE B 92 -24.95 -12.51 -16.53
C ILE B 92 -25.98 -11.45 -16.18
N VAL B 93 -26.26 -10.55 -17.13
CA VAL B 93 -27.24 -9.50 -16.89
C VAL B 93 -28.62 -10.11 -16.66
N TYR B 94 -28.97 -11.13 -17.44
CA TYR B 94 -30.26 -11.78 -17.26
C TYR B 94 -30.37 -12.41 -15.87
N ALA B 95 -29.31 -13.09 -15.42
CA ALA B 95 -29.35 -13.71 -14.10
C ALA B 95 -29.47 -12.65 -13.01
N THR B 96 -28.73 -11.54 -13.14
CA THR B 96 -28.83 -10.49 -12.14
C THR B 96 -30.22 -9.90 -12.09
N LEU B 97 -30.83 -9.64 -13.25
CA LEU B 97 -32.18 -9.10 -13.26
C LEU B 97 -33.17 -10.08 -12.64
N ILE B 98 -33.04 -11.36 -12.95
CA ILE B 98 -33.93 -12.36 -12.38
C ILE B 98 -33.79 -12.37 -10.86
N PHE B 99 -32.54 -12.34 -10.37
CA PHE B 99 -32.33 -12.36 -8.93
C PHE B 99 -32.96 -11.14 -8.27
N LEU B 100 -32.74 -9.96 -8.86
CA LEU B 100 -33.27 -8.74 -8.26
C LEU B 100 -34.79 -8.75 -8.25
N VAL B 101 -35.42 -9.17 -9.34
CA VAL B 101 -36.88 -9.22 -9.39
C VAL B 101 -37.40 -10.21 -8.36
N SER B 102 -36.77 -11.38 -8.25
CA SER B 102 -37.22 -12.37 -7.28
C SER B 102 -37.10 -11.83 -5.85
N ALA B 103 -35.98 -11.19 -5.54
CA ALA B 103 -35.79 -10.64 -4.20
C ALA B 103 -36.84 -9.57 -3.91
N PHE B 104 -37.09 -8.69 -4.88
CA PHE B 104 -38.10 -7.65 -4.70
C PHE B 104 -39.46 -8.27 -4.39
N ILE B 105 -39.88 -9.24 -5.21
CA ILE B 105 -41.19 -9.84 -5.02
C ILE B 105 -41.28 -10.53 -3.68
N VAL B 106 -40.25 -11.30 -3.32
CA VAL B 106 -40.30 -12.06 -2.07
C VAL B 106 -40.35 -11.12 -0.88
N ALA B 107 -39.51 -10.08 -0.89
CA ALA B 107 -39.50 -9.14 0.22
C ALA B 107 -40.84 -8.44 0.36
N TYR B 108 -41.40 -7.99 -0.76
CA TYR B 108 -42.69 -7.30 -0.70
C TYR B 108 -43.76 -8.22 -0.15
N ALA B 109 -43.82 -9.46 -0.64
CA ALA B 109 -44.84 -10.40 -0.19
C ALA B 109 -44.69 -10.67 1.30
N CYS B 110 -43.47 -10.94 1.76
CA CYS B 110 -43.26 -11.26 3.16
C CYS B 110 -43.64 -10.09 4.06
N PHE B 111 -43.21 -8.88 3.69
CA PHE B 111 -43.52 -7.73 4.52
C PHE B 111 -45.01 -7.46 4.57
N LYS B 112 -45.70 -7.56 3.42
CA LYS B 112 -47.13 -7.35 3.42
C LYS B 112 -47.84 -8.40 4.26
N MET B 113 -47.40 -9.66 4.15
CA MET B 113 -48.04 -10.73 4.92
C MET B 113 -47.86 -10.52 6.41
N PHE B 114 -46.66 -10.13 6.84
CA PHE B 114 -46.35 -10.05 8.26
C PHE B 114 -46.59 -8.67 8.85
N HIS B 115 -47.04 -7.70 8.06
CA HIS B 115 -47.38 -6.37 8.57
C HIS B 115 -46.20 -5.77 9.31
N ILE B 116 -45.11 -5.53 8.57
CA ILE B 116 -43.88 -5.01 9.13
C ILE B 116 -43.78 -3.52 8.82
N GLY B 117 -43.30 -2.74 9.79
CA GLY B 117 -43.18 -1.31 9.62
C GLY B 117 -42.08 -0.94 8.63
N PRO B 118 -42.15 0.27 8.08
CA PRO B 118 -41.13 0.65 7.08
C PRO B 118 -39.72 0.64 7.62
N GLY B 119 -39.50 1.06 8.86
CA GLY B 119 -38.16 1.06 9.40
C GLY B 119 -37.60 -0.34 9.54
N ILE B 120 -38.41 -1.25 10.09
CA ILE B 120 -37.99 -2.64 10.20
C ILE B 120 -37.74 -3.23 8.82
N ALA B 121 -38.57 -2.84 7.84
CA ALA B 121 -38.40 -3.35 6.48
C ALA B 121 -37.06 -2.92 5.91
N ALA B 122 -36.73 -1.64 6.01
CA ALA B 122 -35.47 -1.15 5.48
C ALA B 122 -34.30 -1.80 6.20
N GLY B 123 -34.37 -1.89 7.52
CA GLY B 123 -33.29 -2.52 8.26
C GLY B 123 -33.10 -3.98 7.89
N ILE B 124 -34.20 -4.71 7.73
CA ILE B 124 -34.11 -6.12 7.36
C ILE B 124 -33.53 -6.26 5.97
N ILE B 125 -33.94 -5.41 5.03
CA ILE B 125 -33.37 -5.45 3.69
C ILE B 125 -31.87 -5.27 3.77
N ALA B 126 -31.43 -4.23 4.49
CA ALA B 126 -30.00 -3.91 4.54
C ALA B 126 -29.20 -5.00 5.23
N GLY B 127 -29.71 -5.56 6.31
CA GLY B 127 -29.03 -6.63 7.02
C GLY B 127 -29.24 -8.01 6.43
N GLY B 128 -30.07 -8.12 5.40
CA GLY B 128 -30.29 -9.32 4.62
C GLY B 128 -29.50 -9.22 3.34
N LEU B 129 -30.12 -8.72 2.26
CA LEU B 129 -29.31 -8.37 1.11
C LEU B 129 -28.22 -7.46 1.62
N THR B 130 -26.98 -7.93 1.59
CA THR B 130 -25.95 -7.37 2.45
C THR B 130 -25.48 -5.99 2.04
N GLN B 131 -26.12 -5.30 1.10
CA GLN B 131 -25.76 -3.93 0.80
C GLN B 131 -25.86 -3.06 2.05
N SER B 132 -24.74 -2.44 2.42
CA SER B 132 -24.67 -1.59 3.61
C SER B 132 -24.79 -0.11 3.29
N ALA B 133 -24.69 0.28 2.03
CA ALA B 133 -24.90 1.69 1.67
C ALA B 133 -26.36 2.09 1.77
N VAL B 134 -27.25 1.17 2.10
CA VAL B 134 -28.67 1.51 2.21
C VAL B 134 -28.89 2.56 3.28
N ILE B 135 -28.22 2.41 4.42
CA ILE B 135 -28.59 3.14 5.63
C ILE B 135 -28.66 4.64 5.37
N GLY B 136 -27.64 5.18 4.71
CA GLY B 136 -27.61 6.62 4.47
C GLY B 136 -28.77 7.09 3.61
N SER B 137 -29.02 6.39 2.51
CA SER B 137 -30.12 6.77 1.62
C SER B 137 -31.46 6.63 2.33
N SER B 138 -31.63 5.56 3.11
CA SER B 138 -32.87 5.36 3.83
C SER B 138 -33.10 6.47 4.84
N LEU B 139 -32.06 6.86 5.57
CA LEU B 139 -32.21 7.95 6.53
C LEU B 139 -32.55 9.25 5.82
N GLU B 140 -31.90 9.53 4.69
CA GLU B 140 -32.20 10.75 3.95
C GLU B 140 -33.66 10.75 3.48
N THR B 141 -34.13 9.62 2.95
CA THR B 141 -35.51 9.54 2.49
C THR B 141 -36.49 9.69 3.65
N ILE B 142 -36.15 9.10 4.80
CA ILE B 142 -37.00 9.26 5.98
C ILE B 142 -37.11 10.73 6.36
N SER B 143 -35.97 11.43 6.35
CA SER B 143 -35.99 12.86 6.67
C SER B 143 -36.83 13.62 5.66
N LYS B 144 -36.71 13.28 4.38
CA LYS B 144 -37.43 14.04 3.36
C LYS B 144 -38.93 13.82 3.43
N LEU B 145 -39.36 12.57 3.57
CA LEU B 145 -40.79 12.27 3.48
C LEU B 145 -41.55 12.93 4.63
N PRO B 146 -42.73 13.50 4.37
CA PRO B 146 -43.48 14.22 5.41
C PRO B 146 -44.30 13.29 6.29
N ILE B 147 -43.86 13.13 7.54
CA ILE B 147 -44.63 12.39 8.53
C ILE B 147 -44.37 13.00 9.90
N SER B 148 -45.00 12.46 10.93
CA SER B 148 -44.81 12.98 12.28
C SER B 148 -43.35 12.85 12.70
N ASP B 149 -42.87 13.83 13.47
CA ASP B 149 -41.48 13.83 13.90
C ASP B 149 -41.17 12.67 14.83
N HIS B 150 -42.12 12.27 15.67
CA HIS B 150 -41.91 11.11 16.51
C HIS B 150 -41.68 9.86 15.67
N LEU B 151 -42.49 9.69 14.61
CA LEU B 151 -42.27 8.58 13.70
C LEU B 151 -40.92 8.69 13.01
N LYS B 152 -40.54 9.90 12.61
CA LYS B 152 -39.24 10.10 11.98
C LYS B 152 -38.12 9.60 12.89
N THR B 153 -38.12 10.06 14.15
CA THR B 153 -37.04 9.67 15.06
C THR B 153 -37.08 8.18 15.38
N LEU B 154 -38.28 7.62 15.53
CA LEU B 154 -38.37 6.18 15.81
C LEU B 154 -37.80 5.36 14.65
N TYR B 155 -38.18 5.71 13.42
CA TYR B 155 -37.65 5.00 12.26
C TYR B 155 -36.15 5.17 12.15
N SER B 156 -35.64 6.38 12.40
CA SER B 156 -34.21 6.61 12.32
C SER B 156 -33.46 5.77 13.36
N ASN B 157 -34.02 5.65 14.56
CA ASN B 157 -33.36 4.90 15.62
C ASN B 157 -33.44 3.40 15.42
N GLN B 158 -34.49 2.90 14.78
CA GLN B 158 -34.73 1.47 14.76
C GLN B 158 -33.95 0.72 13.68
N ILE B 159 -33.24 1.41 12.80
CA ILE B 159 -32.61 0.75 11.65
C ILE B 159 -31.35 -0.02 12.07
N PRO B 160 -30.36 0.64 12.67
CA PRO B 160 -29.06 -0.04 12.88
C PRO B 160 -29.17 -1.32 13.68
N ILE B 161 -30.09 -1.40 14.64
CA ILE B 161 -30.14 -2.59 15.49
C ILE B 161 -30.57 -3.81 14.68
N VAL B 162 -31.65 -3.68 13.91
CA VAL B 162 -32.08 -4.80 13.08
C VAL B 162 -31.04 -5.08 12.00
N TYR B 163 -30.39 -4.03 11.50
CA TYR B 163 -29.32 -4.23 10.52
C TYR B 163 -28.24 -5.14 11.09
N THR B 164 -27.79 -4.83 12.31
CA THR B 164 -26.77 -5.66 12.96
C THR B 164 -27.29 -7.06 13.22
N LEU B 165 -28.55 -7.18 13.64
CA LEU B 165 -29.10 -8.50 13.94
C LEU B 165 -29.09 -9.39 12.71
N THR B 166 -29.47 -8.85 11.55
CA THR B 166 -29.60 -9.65 10.35
C THR B 166 -28.29 -9.84 9.60
N TYR B 167 -27.33 -8.93 9.76
CA TYR B 167 -26.07 -9.03 9.03
C TYR B 167 -25.33 -10.31 9.38
N VAL B 168 -25.41 -10.75 10.63
CA VAL B 168 -24.67 -11.93 11.06
C VAL B 168 -25.05 -13.13 10.19
N PHE B 169 -26.36 -13.37 10.06
CA PHE B 169 -26.81 -14.46 9.20
C PHE B 169 -26.50 -14.16 7.74
N GLY B 170 -26.83 -12.93 7.29
CA GLY B 170 -26.64 -12.61 5.89
C GLY B 170 -25.23 -12.87 5.40
N THR B 171 -24.26 -12.83 6.31
CA THR B 171 -22.88 -13.12 5.94
C THR B 171 -22.47 -14.56 6.23
N ILE B 172 -22.82 -15.12 7.39
CA ILE B 172 -22.37 -16.47 7.71
C ILE B 172 -23.06 -17.49 6.80
N GLY B 173 -24.37 -17.35 6.61
CA GLY B 173 -25.06 -18.12 5.60
C GLY B 173 -24.99 -17.41 4.27
N VAL B 174 -25.53 -18.06 3.24
CA VAL B 174 -25.40 -17.61 1.86
C VAL B 174 -23.99 -17.97 1.39
N LEU B 175 -22.97 -17.54 2.14
CA LEU B 175 -21.61 -17.95 1.84
C LEU B 175 -21.50 -19.46 1.80
N ILE B 176 -21.94 -20.14 2.86
CA ILE B 176 -21.89 -21.59 2.87
C ILE B 176 -22.82 -22.17 1.83
N PHE B 177 -23.99 -21.56 1.66
CA PHE B 177 -24.99 -22.11 0.74
C PHE B 177 -24.45 -22.17 -0.69
N LEU B 178 -23.76 -21.12 -1.12
CA LEU B 178 -23.25 -21.07 -2.49
C LEU B 178 -21.77 -21.45 -2.59
N ARG B 179 -21.12 -21.83 -1.50
CA ARG B 179 -19.77 -22.36 -1.56
C ARG B 179 -19.68 -23.86 -1.36
N ASP B 180 -20.58 -24.46 -0.60
CA ASP B 180 -20.58 -25.91 -0.37
C ASP B 180 -21.87 -26.57 -0.82
N ILE B 181 -23.02 -26.04 -0.42
CA ILE B 181 -24.29 -26.68 -0.71
C ILE B 181 -24.54 -26.72 -2.22
N MET B 182 -24.29 -25.60 -2.90
CA MET B 182 -24.54 -25.57 -4.34
C MET B 182 -23.62 -26.51 -5.09
N PRO B 183 -22.31 -26.53 -4.84
CA PRO B 183 -21.47 -27.56 -5.46
C PRO B 183 -21.91 -28.98 -5.15
N LYS B 184 -22.32 -29.24 -3.91
CA LYS B 184 -22.77 -30.58 -3.56
C LYS B 184 -24.01 -30.97 -4.36
N LEU B 185 -24.96 -30.05 -4.48
CA LEU B 185 -26.17 -30.33 -5.24
C LEU B 185 -25.90 -30.48 -6.72
N MET B 186 -24.93 -29.74 -7.25
CA MET B 186 -24.62 -29.78 -8.67
C MET B 186 -23.61 -30.86 -9.03
N HIS B 187 -23.05 -31.56 -8.04
CA HIS B 187 -22.19 -32.71 -8.27
C HIS B 187 -20.98 -32.35 -9.14
N ILE B 188 -20.33 -31.25 -8.79
CA ILE B 188 -19.11 -30.81 -9.46
C ILE B 188 -18.12 -30.34 -8.41
N ASP B 189 -16.85 -30.29 -8.81
CA ASP B 189 -15.78 -29.77 -7.97
C ASP B 189 -15.37 -28.40 -8.50
N LEU B 190 -15.25 -27.43 -7.60
CA LEU B 190 -14.95 -26.06 -8.03
C LEU B 190 -13.68 -26.02 -8.86
N LYS B 191 -12.59 -26.57 -8.33
CA LYS B 191 -11.31 -26.49 -9.04
C LYS B 191 -11.40 -27.09 -10.43
N LYS B 192 -11.88 -28.33 -10.52
CA LYS B 192 -11.87 -29.03 -11.80
C LYS B 192 -12.79 -28.35 -12.80
N GLN B 193 -14.01 -27.99 -12.38
CA GLN B 193 -14.95 -27.37 -13.31
C GLN B 193 -14.44 -26.02 -13.79
N ALA B 194 -13.91 -25.20 -12.87
CA ALA B 194 -13.40 -23.89 -13.27
C ALA B 194 -12.23 -24.03 -14.22
N VAL B 195 -11.32 -24.97 -13.94
CA VAL B 195 -10.18 -25.16 -14.84
C VAL B 195 -10.66 -25.61 -16.21
N LYS B 196 -11.62 -26.53 -16.26
CA LYS B 196 -12.11 -27.02 -17.54
C LYS B 196 -12.75 -25.89 -18.33
N THR B 197 -13.60 -25.09 -17.69
CA THR B 197 -14.26 -24.00 -18.40
C THR B 197 -13.25 -22.96 -18.86
N ALA B 198 -12.26 -22.64 -18.03
CA ALA B 198 -11.24 -21.67 -18.42
C ALA B 198 -10.44 -22.17 -19.61
N LYS B 199 -10.08 -23.46 -19.61
CA LYS B 199 -9.38 -24.03 -20.75
C LYS B 199 -10.23 -23.97 -22.00
N GLU B 200 -11.53 -24.28 -21.87
CA GLU B 200 -12.41 -24.20 -23.03
C GLU B 200 -12.46 -22.79 -23.59
N LEU B 201 -12.56 -21.79 -22.71
CA LEU B 201 -12.58 -20.40 -23.14
C LEU B 201 -11.16 -19.85 -23.21
N ASP B 202 -11.05 -18.62 -23.71
CA ASP B 202 -9.75 -17.95 -23.83
C ASP B 202 -9.61 -16.96 -22.67
N MET B 203 -9.31 -17.52 -21.50
CA MET B 203 -9.09 -16.70 -20.31
C MET B 203 -7.89 -17.12 -19.49
N ILE B 204 -7.31 -18.29 -19.72
CA ILE B 204 -6.17 -18.73 -18.91
C ILE B 204 -4.99 -17.79 -19.16
N PRO B 205 -4.35 -17.26 -18.12
CA PRO B 205 -3.16 -16.41 -18.34
C PRO B 205 -2.08 -17.17 -19.08
N VAL B 206 -1.36 -16.45 -19.94
CA VAL B 206 -0.29 -17.00 -20.75
C VAL B 206 1.02 -16.39 -20.28
N PRO B 207 1.90 -17.13 -19.60
CA PRO B 207 3.17 -16.55 -19.19
C PRO B 207 4.01 -16.14 -20.39
N VAL B 208 4.78 -15.07 -20.21
CA VAL B 208 5.59 -14.50 -21.29
C VAL B 208 7.01 -14.34 -20.80
N ILE B 209 7.97 -14.72 -21.65
CA ILE B 209 9.38 -14.53 -21.34
C ILE B 209 9.66 -13.04 -21.24
N VAL B 210 10.68 -12.69 -20.46
CA VAL B 210 11.12 -11.31 -20.30
C VAL B 210 12.53 -11.21 -20.84
N ALA B 211 12.69 -10.49 -21.95
CA ALA B 211 14.03 -10.28 -22.51
C ALA B 211 14.84 -9.38 -21.60
N SER B 212 16.14 -9.64 -21.55
CA SER B 212 17.03 -8.87 -20.68
C SER B 212 18.43 -8.90 -21.27
N THR B 213 19.39 -8.46 -20.47
CA THR B 213 20.79 -8.40 -20.85
C THR B 213 21.60 -9.38 -20.02
N HIS B 214 22.50 -10.10 -20.66
CA HIS B 214 23.44 -10.98 -19.99
C HIS B 214 24.86 -10.52 -20.31
N PHE B 215 25.68 -10.38 -19.27
CA PHE B 215 27.05 -9.87 -19.42
C PHE B 215 28.00 -11.05 -19.56
N TYR B 216 28.03 -11.62 -20.76
CA TYR B 216 29.01 -12.65 -21.07
C TYR B 216 30.41 -12.06 -21.12
N THR B 217 31.40 -12.93 -21.01
CA THR B 217 32.80 -12.56 -21.15
C THR B 217 33.43 -13.41 -22.25
N ILE B 218 34.23 -12.76 -23.10
CA ILE B 218 34.86 -13.43 -24.22
C ILE B 218 35.91 -14.40 -23.71
N ASN B 219 35.98 -15.57 -24.35
CA ASN B 219 37.02 -16.53 -24.02
C ASN B 219 38.39 -16.01 -24.46
N ASP B 220 39.43 -16.53 -23.82
CA ASP B 220 40.80 -16.17 -24.16
C ASP B 220 41.40 -17.09 -25.21
N GLY B 221 40.57 -17.80 -25.97
CA GLY B 221 41.06 -18.69 -27.00
C GLY B 221 41.22 -17.98 -28.33
N SER B 222 40.61 -18.53 -29.38
CA SER B 222 40.73 -17.95 -30.72
C SER B 222 39.42 -18.22 -31.47
N SER B 223 38.53 -17.24 -31.48
CA SER B 223 37.26 -17.36 -32.21
C SER B 223 36.76 -15.94 -32.52
N LEU B 224 36.99 -15.50 -33.75
CA LEU B 224 36.48 -14.21 -34.21
C LEU B 224 36.91 -13.08 -33.27
N ILE B 225 38.17 -13.09 -32.87
CA ILE B 225 38.71 -12.04 -32.03
C ILE B 225 39.12 -10.85 -32.89
N GLY B 226 38.90 -9.65 -32.38
CA GLY B 226 39.22 -8.45 -33.13
C GLY B 226 38.27 -8.23 -34.29
N GLN B 227 37.01 -7.96 -33.99
CA GLN B 227 35.99 -7.77 -35.00
C GLN B 227 35.00 -6.71 -34.54
N THR B 228 34.32 -6.09 -35.50
CA THR B 228 33.36 -5.05 -35.19
C THR B 228 32.02 -5.66 -34.77
N LEU B 229 31.21 -4.84 -34.10
CA LEU B 229 29.93 -5.31 -33.61
C LEU B 229 28.89 -5.42 -34.71
N GLY B 230 28.98 -4.62 -35.76
CA GLY B 230 27.97 -4.65 -36.80
C GLY B 230 27.92 -5.98 -37.52
N THR B 231 29.09 -6.50 -37.92
CA THR B 231 29.12 -7.79 -38.58
C THR B 231 28.65 -8.90 -37.66
N VAL B 232 29.01 -8.83 -36.39
CA VAL B 232 28.56 -9.83 -35.43
C VAL B 232 27.03 -9.81 -35.32
N ASN B 233 26.45 -8.61 -35.24
CA ASN B 233 25.01 -8.49 -35.14
C ASN B 233 24.32 -9.02 -36.40
N THR B 234 24.88 -8.69 -37.56
CA THR B 234 24.31 -9.20 -38.81
C THR B 234 24.38 -10.72 -38.88
N LYS B 235 25.48 -11.30 -38.40
CA LYS B 235 25.58 -12.75 -38.33
C LYS B 235 24.53 -13.33 -37.39
N PHE B 236 24.33 -12.67 -36.25
CA PHE B 236 23.36 -13.15 -35.27
C PHE B 236 21.95 -13.13 -35.86
N ALA B 237 21.15 -14.11 -35.47
CA ALA B 237 19.76 -14.18 -35.92
C ALA B 237 18.95 -13.05 -35.27
N LYS B 238 17.66 -13.03 -35.59
CA LYS B 238 16.79 -12.01 -35.02
C LYS B 238 16.58 -12.25 -33.53
N GLY B 239 16.37 -11.16 -32.80
CA GLY B 239 16.14 -11.23 -31.37
C GLY B 239 17.37 -11.14 -30.51
N LEU B 240 18.57 -11.06 -31.11
CA LEU B 240 19.81 -10.91 -30.39
C LEU B 240 20.44 -9.58 -30.76
N VAL B 241 20.88 -8.81 -29.77
CA VAL B 241 21.55 -7.54 -30.02
C VAL B 241 22.75 -7.42 -29.10
N ALA B 242 23.88 -7.00 -29.66
CA ALA B 242 25.04 -6.68 -28.86
C ALA B 242 24.83 -5.33 -28.16
N ALA B 243 25.58 -5.14 -27.07
CA ALA B 243 25.47 -3.93 -26.26
C ALA B 243 26.84 -3.36 -25.98
N GLY B 244 27.66 -3.25 -27.02
CA GLY B 244 28.99 -2.69 -26.88
C GLY B 244 29.97 -3.68 -26.30
N LEU B 245 31.03 -3.15 -25.69
CA LEU B 245 32.08 -3.95 -25.08
C LEU B 245 32.08 -3.84 -23.57
N ASN B 246 32.28 -2.64 -23.02
CA ASN B 246 32.18 -2.43 -21.58
C ASN B 246 31.04 -1.48 -21.23
N ASP B 247 31.06 -0.25 -21.73
CA ASP B 247 29.94 0.65 -21.55
C ASP B 247 29.72 1.56 -22.76
N SER B 248 30.45 1.35 -23.86
CA SER B 248 30.49 2.28 -24.98
C SER B 248 29.53 1.84 -26.07
N ALA B 249 28.94 2.84 -26.75
CA ALA B 249 28.01 2.59 -27.85
C ALA B 249 28.68 2.60 -29.21
N ASP B 250 29.99 2.75 -29.28
CA ASP B 250 30.68 2.74 -30.57
C ASP B 250 30.43 1.42 -31.29
N MET B 251 30.08 1.50 -32.56
CA MET B 251 29.74 0.33 -33.35
C MET B 251 30.90 -0.20 -34.18
N ALA B 252 32.07 0.41 -34.10
CA ALA B 252 33.26 -0.14 -34.74
C ALA B 252 34.05 -1.02 -33.77
N SER B 253 34.55 -0.42 -32.69
CA SER B 253 35.10 -1.18 -31.57
C SER B 253 36.25 -2.08 -31.99
N VAL B 254 36.88 -2.72 -31.01
CA VAL B 254 37.91 -3.73 -31.26
C VAL B 254 37.85 -4.76 -30.13
N ILE B 255 37.62 -6.02 -30.48
CA ILE B 255 37.52 -7.07 -29.48
C ILE B 255 38.93 -7.48 -29.06
N ASN B 256 39.20 -7.37 -27.76
CA ASN B 256 40.50 -7.71 -27.18
C ASN B 256 40.40 -9.03 -26.44
N ALA B 257 41.49 -9.40 -25.76
CA ALA B 257 41.54 -10.69 -25.08
C ALA B 257 40.46 -10.80 -24.01
N GLY B 258 40.30 -9.75 -23.20
CA GLY B 258 39.34 -9.77 -22.11
C GLY B 258 38.39 -8.61 -22.11
N ASP B 259 37.11 -8.89 -22.34
CA ASP B 259 36.06 -7.89 -22.28
C ASP B 259 34.71 -8.59 -22.41
N VAL B 260 33.69 -8.01 -21.80
CA VAL B 260 32.35 -8.59 -21.84
C VAL B 260 31.69 -8.24 -23.16
N LEU B 261 30.75 -9.09 -23.59
CA LEU B 261 29.99 -8.86 -24.80
C LEU B 261 28.63 -8.21 -24.52
N ALA B 262 28.04 -8.48 -23.37
CA ALA B 262 26.78 -7.87 -22.97
C ALA B 262 25.69 -8.09 -24.03
N ILE B 263 25.37 -9.37 -24.26
CA ILE B 263 24.31 -9.69 -25.20
C ILE B 263 22.96 -9.31 -24.59
N SER B 264 21.96 -9.12 -25.45
CA SER B 264 20.63 -8.79 -25.00
C SER B 264 19.60 -9.46 -25.91
N GLY B 265 18.50 -9.89 -25.30
CA GLY B 265 17.44 -10.56 -26.01
C GLY B 265 16.69 -11.52 -25.10
N GLY B 266 16.19 -12.59 -25.69
CA GLY B 266 15.50 -13.63 -24.95
C GLY B 266 16.48 -14.53 -24.23
N ILE B 267 15.97 -15.69 -23.83
CA ILE B 267 16.77 -16.68 -23.10
C ILE B 267 17.19 -17.83 -24.00
N ASP B 268 16.24 -18.41 -24.73
CA ASP B 268 16.58 -19.53 -25.60
C ASP B 268 17.54 -19.11 -26.70
N GLU B 269 17.35 -17.90 -27.25
CA GLU B 269 18.22 -17.43 -28.30
C GLU B 269 19.66 -17.29 -27.80
N ILE B 270 19.82 -16.71 -26.60
CA ILE B 270 21.18 -16.55 -26.07
C ILE B 270 21.76 -17.92 -25.71
N GLY B 271 20.92 -18.85 -25.27
CA GLY B 271 21.42 -20.19 -25.03
C GLY B 271 22.00 -20.82 -26.29
N ARG B 272 21.28 -20.67 -27.41
CA ARG B 272 21.81 -21.16 -28.68
C ARG B 272 23.09 -20.41 -29.06
N ALA B 273 23.10 -19.10 -28.87
CA ALA B 273 24.25 -18.29 -29.25
C ALA B 273 25.46 -18.56 -28.37
N VAL B 274 25.26 -19.15 -27.19
CA VAL B 274 26.41 -19.52 -26.36
C VAL B 274 26.84 -20.95 -26.64
N GLN B 275 25.92 -21.85 -26.99
CA GLN B 275 26.36 -23.17 -27.43
C GLN B 275 27.16 -23.10 -28.73
N GLU B 276 26.71 -22.30 -29.69
CA GLU B 276 27.50 -22.03 -30.87
C GLU B 276 28.34 -20.79 -30.63
N PHE B 277 29.62 -20.86 -30.96
CA PHE B 277 30.56 -19.78 -30.66
C PHE B 277 30.65 -19.55 -29.15
N ASN B 278 31.19 -20.56 -28.47
CA ASN B 278 31.20 -20.60 -27.02
C ASN B 278 31.76 -19.32 -26.42
N LEU B 279 31.10 -18.84 -25.37
CA LEU B 279 31.56 -17.68 -24.60
C LEU B 279 31.28 -17.92 -23.13
N LEU B 280 32.13 -17.37 -22.28
CA LEU B 280 31.98 -17.57 -20.84
C LEU B 280 30.90 -16.65 -20.29
N GLU B 281 30.40 -17.01 -19.11
CA GLU B 281 29.35 -16.25 -18.45
C GLU B 281 29.86 -15.75 -17.11
N VAL B 282 29.57 -14.48 -16.80
CA VAL B 282 29.96 -13.87 -15.54
C VAL B 282 28.83 -12.97 -15.06
N THR B 283 28.81 -12.73 -13.75
CA THR B 283 27.77 -11.89 -13.17
C THR B 283 27.84 -10.47 -13.71
N GLY B 284 29.05 -9.93 -13.86
CA GLY B 284 29.20 -8.57 -14.34
C GLY B 284 28.81 -7.54 -13.30
N LYS B 285 29.26 -6.29 -13.50
CA LYS B 285 28.98 -5.23 -12.53
C LYS B 285 29.08 -3.89 -13.28
N THR B 286 27.92 -3.32 -13.59
CA THR B 286 27.87 -2.02 -14.26
C THR B 286 26.46 -1.46 -14.13
N LYS B 287 26.38 -0.14 -13.99
CA LYS B 287 25.09 0.53 -13.87
C LYS B 287 24.45 0.84 -15.21
N ALA B 288 25.14 0.56 -16.32
CA ALA B 288 24.61 0.86 -17.64
C ALA B 288 23.64 -0.24 -18.07
N TYR B 289 23.22 -0.20 -19.33
CA TYR B 289 22.30 -1.20 -19.87
C TYR B 289 20.97 -1.21 -19.13
N VAL B 290 20.58 -0.08 -18.54
CA VAL B 290 19.31 0.00 -17.85
C VAL B 290 18.18 -0.05 -18.86
N SER B 291 17.05 -0.61 -18.44
CA SER B 291 15.87 -0.75 -19.30
C SER B 291 14.84 0.31 -18.92
N LYS B 292 14.04 0.71 -19.91
CA LYS B 292 13.01 1.71 -19.69
C LYS B 292 11.81 1.40 -20.55
N GLN B 293 10.66 1.95 -20.15
CA GLN B 293 9.42 1.89 -20.92
C GLN B 293 9.07 3.33 -21.31
N VAL B 294 8.92 3.58 -22.61
CA VAL B 294 8.76 4.93 -23.13
C VAL B 294 7.54 4.97 -24.03
N VAL B 295 6.68 5.96 -23.82
CA VAL B 295 5.59 6.23 -24.75
C VAL B 295 6.13 6.89 -26.01
N LEU B 296 5.36 6.83 -27.09
CA LEU B 296 5.76 7.38 -28.37
C LEU B 296 5.14 8.77 -28.56
N LYS B 297 5.86 9.62 -29.31
CA LYS B 297 5.43 10.98 -29.56
C LYS B 297 5.48 11.38 -31.04
N LYS B 298 6.21 10.65 -31.88
CA LYS B 298 6.47 11.07 -33.26
C LYS B 298 5.61 10.31 -34.28
N ASN B 299 4.36 10.01 -33.94
CA ASN B 299 3.38 9.48 -34.89
C ASN B 299 3.86 8.17 -35.52
N PHE B 300 3.96 7.16 -34.65
CA PHE B 300 4.31 5.79 -35.05
C PHE B 300 5.43 5.78 -36.10
N SER B 301 6.57 6.34 -35.70
CA SER B 301 7.73 6.34 -36.57
C SER B 301 8.13 4.91 -36.92
N ALA B 302 8.48 4.70 -38.20
CA ALA B 302 8.85 3.37 -38.69
C ALA B 302 10.36 3.18 -38.75
N ASP B 303 11.06 4.07 -39.47
CA ASP B 303 12.48 3.87 -39.72
C ASP B 303 13.27 3.78 -38.42
N VAL B 304 12.85 4.52 -37.39
CA VAL B 304 13.57 4.47 -36.11
C VAL B 304 13.50 3.06 -35.53
N LEU B 305 12.31 2.46 -35.56
CA LEU B 305 12.19 1.09 -35.06
C LEU B 305 12.93 0.10 -35.95
N LYS B 306 12.92 0.35 -37.26
CA LYS B 306 13.66 -0.53 -38.17
C LYS B 306 15.15 -0.52 -37.87
N ASN B 307 15.70 0.66 -37.61
CA ASN B 307 17.14 0.82 -37.43
C ASN B 307 17.58 0.74 -35.97
N ALA B 308 16.64 0.56 -35.03
CA ALA B 308 17.02 0.45 -33.63
C ALA B 308 17.94 -0.75 -33.41
N GLN B 309 17.65 -1.87 -34.06
CA GLN B 309 18.51 -3.04 -33.90
C GLN B 309 19.93 -2.73 -34.33
N ASP B 310 20.10 -2.03 -35.45
CA ASP B 310 21.43 -1.62 -35.86
C ASP B 310 22.04 -0.67 -34.85
N LYS B 311 21.24 0.25 -34.31
CA LYS B 311 21.74 1.18 -33.32
C LYS B 311 22.17 0.48 -32.04
N GLY B 312 21.67 -0.73 -31.80
CA GLY B 312 22.05 -1.49 -30.63
C GLY B 312 21.01 -1.55 -29.54
N VAL B 313 19.79 -1.08 -29.79
CA VAL B 313 18.72 -1.07 -28.81
C VAL B 313 17.65 -2.04 -29.28
N LEU B 314 17.18 -2.90 -28.37
CA LEU B 314 16.15 -3.87 -28.67
C LEU B 314 14.80 -3.33 -28.22
N VAL B 315 13.80 -3.46 -29.09
CA VAL B 315 12.46 -2.96 -28.82
C VAL B 315 11.57 -4.15 -28.45
N ALA B 316 10.80 -4.00 -27.38
CA ALA B 316 9.94 -5.06 -26.88
C ALA B 316 8.63 -4.47 -26.39
N THR B 317 7.67 -5.34 -26.12
CA THR B 317 6.37 -4.91 -25.63
C THR B 317 6.49 -4.40 -24.19
N LEU B 318 5.36 -3.95 -23.65
CA LEU B 318 5.36 -3.50 -22.25
C LEU B 318 5.72 -4.64 -21.31
N ALA B 319 5.17 -5.82 -21.56
CA ALA B 319 5.52 -6.98 -20.75
C ALA B 319 6.99 -7.37 -20.90
N GLY B 320 7.65 -6.90 -21.96
CA GLY B 320 9.05 -7.18 -22.17
C GLY B 320 9.30 -8.39 -23.04
N ASP B 321 8.65 -8.42 -24.21
CA ASP B 321 8.79 -9.53 -25.16
C ASP B 321 9.27 -8.97 -26.47
N VAL B 322 10.27 -9.63 -27.06
CA VAL B 322 10.79 -9.20 -28.36
C VAL B 322 9.64 -9.08 -29.34
N MET B 323 9.53 -7.91 -29.98
CA MET B 323 8.46 -7.67 -30.93
C MET B 323 8.78 -8.31 -32.29
N ASP B 324 7.72 -8.61 -33.03
CA ASP B 324 7.88 -9.18 -34.36
C ASP B 324 8.24 -8.08 -35.36
N PRO B 325 8.96 -8.44 -36.43
CA PRO B 325 9.29 -7.42 -37.44
C PRO B 325 8.06 -6.71 -37.98
N ALA B 326 6.96 -7.45 -38.21
CA ALA B 326 5.75 -6.83 -38.72
C ALA B 326 5.24 -5.76 -37.76
N GLN B 327 5.43 -5.96 -36.45
CA GLN B 327 5.00 -4.95 -35.50
C GLN B 327 5.67 -3.61 -35.78
N PHE B 328 6.91 -3.63 -36.27
CA PHE B 328 7.60 -2.38 -36.54
C PHE B 328 6.92 -1.60 -37.65
N SER B 329 6.15 -2.26 -38.51
CA SER B 329 5.57 -1.59 -39.67
C SER B 329 4.53 -0.56 -39.25
N THR B 330 3.55 -0.95 -38.42
CA THR B 330 2.41 -0.10 -38.15
C THR B 330 2.41 0.31 -36.69
N LEU B 331 2.36 -0.64 -35.75
CA LEU B 331 2.20 -0.32 -34.34
C LEU B 331 0.79 0.20 -34.11
N HIS B 332 0.59 0.95 -33.04
CA HIS B 332 -0.68 1.61 -32.78
C HIS B 332 -0.48 2.93 -32.05
N HIS B 337 -4.43 5.16 -36.14
CA HIS B 337 -3.11 5.76 -36.29
C HIS B 337 -2.99 7.03 -35.45
N LYS B 338 -2.23 6.94 -34.37
CA LYS B 338 -2.02 8.07 -33.48
C LYS B 338 -0.71 7.85 -32.72
N PRO B 339 -0.08 8.92 -32.23
CA PRO B 339 1.16 8.76 -31.48
C PRO B 339 0.94 8.35 -30.03
N ALA B 340 0.78 7.05 -29.80
CA ALA B 340 0.51 6.53 -28.48
C ALA B 340 1.27 5.22 -28.29
N GLU B 341 0.96 4.54 -27.18
CA GLU B 341 1.55 3.23 -26.87
C GLU B 341 2.97 3.40 -26.34
N SER B 342 3.33 2.62 -25.33
CA SER B 342 4.67 2.62 -24.77
C SER B 342 5.33 1.28 -25.00
N VAL B 343 6.63 1.30 -25.29
CA VAL B 343 7.40 0.09 -25.57
C VAL B 343 8.66 0.12 -24.71
N THR B 344 9.27 -1.05 -24.57
CA THR B 344 10.41 -1.24 -23.69
C THR B 344 11.70 -1.28 -24.51
N LEU B 345 12.66 -0.45 -24.09
CA LEU B 345 13.99 -0.41 -24.69
C LEU B 345 15.02 -0.78 -23.62
N VAL B 346 16.08 -1.46 -24.03
CA VAL B 346 16.97 -2.09 -23.08
C VAL B 346 18.44 -1.67 -23.27
N GLY B 347 18.94 -1.80 -24.50
CA GLY B 347 20.37 -1.77 -24.70
C GLY B 347 21.01 -0.44 -24.31
N GLN B 348 22.26 -0.54 -23.84
CA GLN B 348 23.10 0.62 -23.61
C GLN B 348 22.57 1.54 -22.51
N LYS B 349 23.36 2.54 -22.14
CA LYS B 349 22.97 3.52 -21.11
C LYS B 349 22.32 4.76 -21.72
N ASP B 350 23.04 5.44 -22.61
CA ASP B 350 22.55 6.67 -23.21
C ASP B 350 22.00 6.49 -24.61
N ALA B 351 22.37 5.41 -25.31
CA ALA B 351 21.77 5.15 -26.62
C ALA B 351 20.28 4.89 -26.48
N VAL B 352 19.89 4.20 -25.40
CA VAL B 352 18.47 4.00 -25.13
C VAL B 352 17.79 5.35 -24.96
N SER B 353 18.43 6.29 -24.27
CA SER B 353 17.86 7.61 -24.11
C SER B 353 17.78 8.36 -25.43
N GLU B 354 18.78 8.17 -26.30
CA GLU B 354 18.73 8.79 -27.63
C GLU B 354 17.53 8.27 -28.42
N VAL B 355 17.33 6.96 -28.41
CA VAL B 355 16.16 6.40 -29.09
C VAL B 355 14.89 6.93 -28.47
N GLN B 356 14.87 7.07 -27.14
CA GLN B 356 13.69 7.60 -26.47
C GLN B 356 13.42 9.04 -26.91
N SER B 357 14.46 9.85 -27.01
CA SER B 357 14.28 11.23 -27.43
C SER B 357 13.74 11.28 -28.87
N GLN B 358 14.27 10.42 -29.74
CA GLN B 358 13.67 10.31 -31.07
C GLN B 358 12.19 9.95 -30.96
N LEU B 359 11.86 9.08 -30.03
CA LEU B 359 10.48 8.69 -29.74
C LEU B 359 9.93 9.62 -28.65
N GLY B 360 8.81 9.23 -28.03
CA GLY B 360 8.20 10.02 -26.98
C GLY B 360 8.91 9.85 -25.65
N ARG B 361 8.25 10.37 -24.60
CA ARG B 361 8.84 10.47 -23.29
C ARG B 361 8.60 9.20 -22.47
N LEU B 362 9.13 9.19 -21.25
CA LEU B 362 9.07 8.00 -20.41
C LEU B 362 7.64 7.72 -19.97
N ARG B 363 7.43 6.52 -19.42
CA ARG B 363 6.13 6.07 -18.96
C ARG B 363 6.07 6.13 -17.44
N ALA B 364 4.95 5.66 -16.89
CA ALA B 364 4.76 5.66 -15.46
C ALA B 364 5.83 4.82 -14.78
N ALA B 365 6.29 5.29 -13.62
CA ALA B 365 7.32 4.58 -12.88
C ALA B 365 6.85 3.23 -12.35
N GLU B 366 5.55 2.97 -12.37
CA GLU B 366 4.91 1.73 -11.93
C GLU B 366 4.84 1.63 -10.41
N ASN B 367 5.42 2.56 -9.66
CA ASN B 367 5.35 2.49 -8.21
C ASN B 367 5.14 3.85 -7.56
N ILE B 368 4.81 4.88 -8.33
CA ILE B 368 4.54 6.21 -7.80
C ILE B 368 3.11 6.58 -8.17
N ILE B 369 2.36 7.08 -7.19
CA ILE B 369 0.93 7.35 -7.36
C ILE B 369 0.71 8.85 -7.23
N ASN B 370 0.16 9.45 -8.27
CA ASN B 370 -0.15 10.88 -8.24
C ASN B 370 -1.35 11.09 -7.34
N TYR B 371 -1.08 11.46 -6.08
CA TYR B 371 -2.15 11.56 -5.11
C TYR B 371 -3.22 12.53 -5.56
N SER B 372 -2.87 13.49 -6.42
CA SER B 372 -3.86 14.43 -6.93
C SER B 372 -5.00 13.67 -7.61
N TRP B 373 -4.66 12.68 -8.44
CA TRP B 373 -5.68 11.92 -9.15
C TRP B 373 -6.61 11.20 -8.17
N PHE B 374 -6.03 10.54 -7.17
CA PHE B 374 -6.83 9.78 -6.21
C PHE B 374 -7.75 10.69 -5.41
N ALA B 375 -7.21 11.79 -4.90
CA ALA B 375 -8.03 12.71 -4.12
C ALA B 375 -9.13 13.33 -4.97
N LEU B 376 -8.81 13.71 -6.21
CA LEU B 376 -9.82 14.29 -7.09
C LEU B 376 -10.91 13.26 -7.38
N GLY B 377 -10.52 12.00 -7.56
CA GLY B 377 -11.53 10.97 -7.77
C GLY B 377 -12.47 10.85 -6.60
N ILE B 378 -11.93 10.82 -5.38
CA ILE B 378 -12.80 10.69 -4.21
C ILE B 378 -13.72 11.89 -4.11
N ALA B 379 -13.19 13.10 -4.31
CA ALA B 379 -14.02 14.30 -4.19
C ALA B 379 -15.10 14.34 -5.25
N LEU B 380 -14.76 13.96 -6.49
CA LEU B 380 -15.75 13.95 -7.55
C LEU B 380 -16.83 12.92 -7.28
N SER B 381 -16.46 11.76 -6.71
CA SER B 381 -17.46 10.77 -6.35
C SER B 381 -18.41 11.33 -5.30
N ALA B 382 -17.86 11.99 -4.27
CA ALA B 382 -18.71 12.57 -3.24
C ALA B 382 -19.67 13.59 -3.85
N ALA B 383 -19.17 14.42 -4.77
CA ALA B 383 -20.03 15.40 -5.41
C ALA B 383 -21.13 14.73 -6.23
N LEU B 384 -20.74 13.76 -7.06
CA LEU B 384 -21.70 13.06 -7.92
C LEU B 384 -22.78 12.39 -7.09
N GLY B 385 -22.46 11.98 -5.87
CA GLY B 385 -23.46 11.32 -5.05
C GLY B 385 -24.70 12.17 -4.84
N ILE B 386 -24.52 13.48 -4.66
CA ILE B 386 -25.65 14.34 -4.33
C ILE B 386 -26.68 14.38 -5.45
N VAL B 387 -26.24 14.15 -6.68
CA VAL B 387 -27.17 14.20 -7.81
C VAL B 387 -28.28 13.18 -7.59
N GLY B 388 -29.52 13.63 -7.81
CA GLY B 388 -30.66 12.75 -7.63
C GLY B 388 -31.90 13.36 -8.24
N THR B 389 -32.96 12.55 -8.28
CA THR B 389 -34.23 12.96 -8.86
C THR B 389 -35.36 12.45 -8.00
N LYS B 390 -36.51 13.12 -8.12
CA LYS B 390 -37.71 12.74 -7.39
C LYS B 390 -38.65 12.01 -8.34
N VAL B 391 -39.06 10.80 -7.95
CA VAL B 391 -40.01 10.00 -8.71
C VAL B 391 -41.19 9.67 -7.80
N SER B 392 -42.38 10.13 -8.17
CA SER B 392 -43.59 9.89 -7.40
C SER B 392 -43.40 10.34 -5.95
N GLY B 393 -42.78 11.51 -5.78
CA GLY B 393 -42.54 12.03 -4.45
C GLY B 393 -41.44 11.35 -3.69
N VAL B 394 -40.63 10.52 -4.35
CA VAL B 394 -39.54 9.78 -3.73
C VAL B 394 -38.23 10.39 -4.20
N PRO B 395 -37.51 11.13 -3.34
CA PRO B 395 -36.19 11.69 -3.75
C PRO B 395 -35.07 10.65 -3.75
N ILE B 396 -34.98 9.92 -4.86
CA ILE B 396 -33.97 8.88 -5.00
C ILE B 396 -32.68 9.51 -5.50
N ALA B 397 -31.58 9.20 -4.81
CA ALA B 397 -30.26 9.70 -5.17
C ALA B 397 -29.30 8.52 -5.28
N LEU B 398 -28.26 8.69 -6.11
CA LEU B 398 -27.33 7.60 -6.35
C LEU B 398 -26.56 7.20 -5.10
N GLY B 399 -26.41 8.11 -4.14
CA GLY B 399 -25.66 7.80 -2.93
C GLY B 399 -24.17 8.04 -3.09
N GLY B 400 -23.43 7.70 -2.04
CA GLY B 400 -21.99 7.89 -2.03
C GLY B 400 -21.22 6.67 -2.49
N GLY B 401 -21.49 5.52 -1.88
CA GLY B 401 -20.73 4.32 -2.21
C GLY B 401 -20.88 3.91 -3.66
N THR B 402 -22.11 3.97 -4.19
CA THR B 402 -22.33 3.61 -5.58
C THR B 402 -21.58 4.55 -6.51
N ALA B 403 -21.60 5.85 -6.20
CA ALA B 403 -20.87 6.80 -7.03
C ALA B 403 -19.38 6.52 -6.99
N SER B 404 -18.84 6.18 -5.82
CA SER B 404 -17.42 5.85 -5.73
C SER B 404 -17.09 4.61 -6.55
N LEU B 405 -17.97 3.60 -6.51
CA LEU B 405 -17.73 2.40 -7.31
C LEU B 405 -17.73 2.73 -8.80
N ILE B 406 -18.68 3.56 -9.24
CA ILE B 406 -18.74 3.94 -10.64
C ILE B 406 -17.48 4.71 -11.05
N VAL B 407 -17.04 5.63 -10.18
CA VAL B 407 -15.84 6.40 -10.48
C VAL B 407 -14.63 5.49 -10.58
N GLY B 408 -14.52 4.52 -9.67
CA GLY B 408 -13.42 3.57 -9.75
C GLY B 408 -13.44 2.80 -11.05
N LEU B 409 -14.62 2.30 -11.44
CA LEU B 409 -14.73 1.56 -12.68
C LEU B 409 -14.29 2.40 -13.87
N VAL B 410 -14.83 3.62 -13.99
CA VAL B 410 -14.53 4.45 -15.15
C VAL B 410 -13.05 4.84 -15.16
N GLN B 411 -12.49 5.16 -13.98
CA GLN B 411 -11.08 5.54 -13.93
C GLN B 411 -10.18 4.38 -14.33
N SER B 412 -10.48 3.17 -13.83
CA SER B 412 -9.67 2.02 -14.21
C SER B 412 -9.76 1.76 -15.71
N ILE B 413 -10.98 1.83 -16.27
CA ILE B 413 -11.13 1.61 -17.70
C ILE B 413 -10.36 2.67 -18.47
N TYR B 414 -10.30 3.89 -17.95
CA TYR B 414 -9.52 4.95 -18.57
C TYR B 414 -8.06 4.84 -18.17
N ARG B 415 -7.48 3.65 -18.35
CA ARG B 415 -6.06 3.43 -18.13
C ARG B 415 -5.60 2.29 -19.02
N ASP B 416 -4.33 2.34 -19.42
CA ASP B 416 -3.70 1.50 -20.41
C ASP B 416 -4.12 1.90 -21.83
N LYS B 417 -5.09 2.79 -21.98
CA LYS B 417 -5.33 3.45 -23.26
C LYS B 417 -4.57 4.76 -23.35
N HIS B 418 -4.40 5.43 -22.22
CA HIS B 418 -3.47 6.56 -22.07
C HIS B 418 -2.61 6.21 -20.86
N ALA B 419 -1.54 5.45 -21.09
CA ALA B 419 -0.67 4.97 -20.02
C ALA B 419 0.33 6.06 -19.66
N HIS B 420 -0.20 7.13 -19.08
CA HIS B 420 0.58 8.32 -18.79
C HIS B 420 0.34 8.84 -17.38
N MET B 421 -0.35 8.08 -16.52
CA MET B 421 -0.69 8.55 -15.19
C MET B 421 0.01 7.76 -14.09
N ASP B 422 -0.23 6.45 -13.99
CA ASP B 422 0.30 5.68 -12.88
C ASP B 422 -0.15 4.23 -13.01
N THR B 423 0.35 3.41 -12.08
CA THR B 423 -0.17 2.07 -11.86
C THR B 423 -0.23 1.89 -10.34
N ILE B 424 -1.41 2.12 -9.76
CA ILE B 424 -1.51 2.14 -8.31
C ILE B 424 -1.01 0.81 -7.75
N PRO B 425 -0.30 0.80 -6.63
CA PRO B 425 0.17 -0.48 -6.08
C PRO B 425 -0.99 -1.41 -5.77
N ASP B 426 -0.73 -2.70 -5.92
CA ASP B 426 -1.72 -3.74 -5.63
C ASP B 426 -1.73 -4.16 -4.17
N SER B 427 -0.82 -3.62 -3.35
CA SER B 427 -0.78 -3.89 -1.92
C SER B 427 -1.50 -2.83 -1.10
N LEU B 428 -2.15 -1.87 -1.76
CA LEU B 428 -2.87 -0.79 -1.09
C LEU B 428 -4.38 -0.95 -1.19
N LEU B 429 -4.88 -1.36 -2.35
CA LEU B 429 -6.31 -1.60 -2.48
C LEU B 429 -6.77 -2.70 -1.53
N GLU B 430 -5.94 -3.73 -1.35
CA GLU B 430 -6.29 -4.80 -0.44
C GLU B 430 -6.49 -4.28 0.97
N PHE B 431 -5.53 -3.47 1.45
CA PHE B 431 -5.67 -2.89 2.78
C PHE B 431 -6.90 -2.00 2.87
N PHE B 432 -7.14 -1.18 1.85
CA PHE B 432 -8.30 -0.29 1.87
C PHE B 432 -9.58 -1.10 2.01
N GLN B 433 -9.77 -2.09 1.15
CA GLN B 433 -11.02 -2.84 1.12
C GLN B 433 -11.09 -3.90 2.21
N SER B 434 -10.03 -4.10 2.99
CA SER B 434 -10.10 -4.95 4.17
C SER B 434 -10.16 -4.16 5.47
N ILE B 435 -9.95 -2.85 5.45
CA ILE B 435 -9.99 -2.04 6.65
C ILE B 435 -11.22 -1.13 6.68
N GLY B 436 -11.59 -0.52 5.55
CA GLY B 436 -12.66 0.47 5.59
C GLY B 436 -13.99 -0.12 6.02
N LEU B 437 -14.37 -1.26 5.42
CA LEU B 437 -15.65 -1.86 5.74
C LEU B 437 -15.69 -2.28 7.20
N ASN B 438 -14.61 -2.88 7.71
CA ASN B 438 -14.59 -3.30 9.09
C ASN B 438 -14.66 -2.11 10.04
N LEU B 439 -13.99 -1.01 9.70
CA LEU B 439 -14.08 0.18 10.55
C LEU B 439 -15.50 0.71 10.59
N PHE B 440 -16.15 0.79 9.43
CA PHE B 440 -17.53 1.26 9.40
C PHE B 440 -18.44 0.36 10.23
N ILE B 441 -18.27 -0.96 10.09
CA ILE B 441 -19.11 -1.90 10.82
C ILE B 441 -18.88 -1.77 12.32
N ALA B 442 -17.62 -1.62 12.73
CA ALA B 442 -17.32 -1.47 14.15
C ALA B 442 -17.96 -0.21 14.70
N THR B 443 -17.89 0.89 13.96
CA THR B 443 -18.52 2.12 14.42
C THR B 443 -20.02 1.93 14.59
N VAL B 444 -20.67 1.33 13.59
CA VAL B 444 -22.12 1.15 13.67
C VAL B 444 -22.49 0.25 14.84
N GLY B 445 -21.76 -0.86 15.00
CA GLY B 445 -22.07 -1.77 16.09
C GLY B 445 -21.87 -1.13 17.45
N LEU B 446 -20.80 -0.35 17.61
CA LEU B 446 -20.58 0.36 18.86
C LEU B 446 -21.73 1.31 19.15
N SER B 447 -22.18 2.05 18.14
CA SER B 447 -23.28 3.00 18.36
C SER B 447 -24.55 2.27 18.77
N ALA B 448 -24.92 1.22 18.03
CA ALA B 448 -26.19 0.53 18.26
C ALA B 448 -25.95 -0.72 19.11
N ALA B 449 -25.55 -0.48 20.36
CA ALA B 449 -25.28 -1.59 21.28
C ALA B 449 -26.00 -1.40 22.59
N LYS B 450 -26.22 -0.15 23.00
CA LYS B 450 -26.82 0.09 24.31
C LYS B 450 -28.24 -0.47 24.39
N THR B 451 -29.02 -0.29 23.34
CA THR B 451 -30.41 -0.71 23.32
C THR B 451 -30.61 -2.03 22.59
N PHE B 452 -29.53 -2.75 22.27
CA PHE B 452 -29.65 -3.99 21.52
C PHE B 452 -30.43 -5.04 22.30
N ILE B 453 -30.16 -5.16 23.60
CA ILE B 453 -30.83 -6.19 24.40
C ILE B 453 -32.32 -5.90 24.48
N SER B 454 -32.69 -4.65 24.73
CA SER B 454 -34.11 -4.29 24.78
C SER B 454 -34.76 -4.50 23.42
N ALA B 455 -34.06 -4.16 22.34
CA ALA B 455 -34.62 -4.34 21.00
C ALA B 455 -34.88 -5.81 20.71
N ILE B 456 -33.95 -6.69 21.07
CA ILE B 456 -34.17 -8.11 20.82
C ILE B 456 -35.28 -8.64 21.71
N GLN B 457 -35.36 -8.15 22.95
CA GLN B 457 -36.43 -8.57 23.85
C GLN B 457 -37.80 -8.19 23.29
N SER B 458 -37.93 -6.99 22.75
CA SER B 458 -39.22 -6.53 22.25
C SER B 458 -39.52 -7.13 20.88
N MET B 459 -38.71 -6.81 19.89
CA MET B 459 -38.83 -7.38 18.55
C MET B 459 -37.86 -8.54 18.47
N GLY B 460 -38.40 -9.76 18.57
CA GLY B 460 -37.56 -10.94 18.67
C GLY B 460 -37.54 -11.82 17.44
N ILE B 461 -38.12 -13.02 17.56
CA ILE B 461 -38.01 -14.02 16.51
C ILE B 461 -38.65 -13.53 15.22
N SER B 462 -39.62 -12.62 15.33
CA SER B 462 -40.33 -12.16 14.13
C SER B 462 -39.41 -11.53 13.10
N VAL B 463 -38.24 -11.07 13.51
CA VAL B 463 -37.33 -10.36 12.61
C VAL B 463 -36.27 -11.28 12.03
N LEU B 464 -35.65 -12.12 12.86
CA LEU B 464 -34.54 -12.94 12.39
C LEU B 464 -34.97 -13.89 11.29
N LEU B 465 -36.12 -14.55 11.46
CA LEU B 465 -36.57 -15.51 10.46
C LEU B 465 -36.88 -14.84 9.14
N ILE B 466 -37.53 -13.66 9.19
CA ILE B 466 -37.81 -12.93 7.96
C ILE B 466 -36.52 -12.57 7.25
N GLY B 467 -35.52 -12.11 8.01
CA GLY B 467 -34.23 -11.80 7.42
C GLY B 467 -33.60 -13.01 6.77
N ALA B 468 -33.64 -14.15 7.45
CA ALA B 468 -33.04 -15.37 6.89
C ALA B 468 -33.74 -15.77 5.60
N VAL B 469 -35.06 -15.74 5.58
CA VAL B 469 -35.79 -16.16 4.38
C VAL B 469 -35.50 -15.19 3.24
N ILE B 470 -35.53 -13.88 3.49
CA ILE B 470 -35.28 -12.94 2.41
C ILE B 470 -33.84 -13.06 1.93
N SER B 471 -32.92 -13.48 2.80
CA SER B 471 -31.54 -13.66 2.38
C SER B 471 -31.33 -14.92 1.57
N ILE B 472 -32.08 -15.99 1.85
CA ILE B 472 -31.83 -17.29 1.25
C ILE B 472 -32.72 -17.55 0.04
N LEU B 473 -34.03 -17.42 0.19
CA LEU B 473 -34.95 -17.91 -0.83
C LEU B 473 -34.67 -17.39 -2.23
N PRO B 474 -34.39 -16.10 -2.44
CA PRO B 474 -34.12 -15.65 -3.82
C PRO B 474 -32.97 -16.40 -4.47
N HIS B 475 -31.94 -16.74 -3.69
CA HIS B 475 -30.83 -17.50 -4.25
C HIS B 475 -31.29 -18.87 -4.75
N ILE B 476 -32.11 -19.56 -3.97
CA ILE B 476 -32.62 -20.86 -4.39
C ILE B 476 -33.46 -20.72 -5.64
N ILE B 477 -34.31 -19.70 -5.70
CA ILE B 477 -35.18 -19.51 -6.86
C ILE B 477 -34.34 -19.31 -8.11
N THR B 478 -33.37 -18.39 -8.05
CA THR B 478 -32.53 -18.14 -9.22
C THR B 478 -31.73 -19.37 -9.60
N PHE B 479 -31.22 -20.09 -8.60
CA PHE B 479 -30.46 -21.32 -8.87
C PHE B 479 -31.30 -22.31 -9.67
N VAL B 480 -32.51 -22.60 -9.19
CA VAL B 480 -33.33 -23.58 -9.90
C VAL B 480 -33.67 -23.08 -11.30
N ILE B 481 -34.08 -21.81 -11.41
CA ILE B 481 -34.52 -21.30 -12.72
C ILE B 481 -33.36 -21.34 -13.71
N CYS B 482 -32.14 -21.05 -13.25
CA CYS B 482 -31.01 -20.99 -14.18
C CYS B 482 -30.39 -22.36 -14.45
N TYR B 483 -30.53 -23.32 -13.54
CA TYR B 483 -29.88 -24.61 -13.69
C TYR B 483 -30.78 -25.65 -14.34
N TYR B 484 -32.05 -25.75 -13.92
CA TYR B 484 -32.91 -26.79 -14.43
C TYR B 484 -33.70 -26.37 -15.67
N LEU B 485 -34.05 -25.09 -15.78
CA LEU B 485 -34.82 -24.61 -16.92
C LEU B 485 -33.90 -24.05 -18.02
N MET B 486 -33.12 -23.03 -17.70
CA MET B 486 -32.23 -22.45 -18.70
C MET B 486 -30.99 -23.29 -18.92
N LYS B 487 -30.50 -23.97 -17.88
CA LYS B 487 -29.34 -24.86 -17.99
C LYS B 487 -28.11 -24.10 -18.50
N MET B 488 -27.69 -23.12 -17.70
CA MET B 488 -26.45 -22.39 -17.98
C MET B 488 -25.26 -23.23 -17.53
N GLU B 489 -24.06 -22.75 -17.82
CA GLU B 489 -22.86 -23.46 -17.40
C GLU B 489 -22.77 -23.45 -15.87
N PRO B 490 -22.17 -24.50 -15.29
CA PRO B 490 -22.21 -24.61 -13.82
C PRO B 490 -21.61 -23.40 -13.10
N ILE B 491 -20.36 -23.05 -13.42
CA ILE B 491 -19.65 -22.07 -12.60
C ILE B 491 -20.25 -20.68 -12.74
N SER B 492 -20.84 -20.35 -13.89
CA SER B 492 -21.39 -19.01 -14.07
C SER B 492 -22.52 -18.74 -13.09
N ILE B 493 -23.22 -19.78 -12.64
CA ILE B 493 -24.28 -19.58 -11.65
C ILE B 493 -23.69 -19.03 -10.36
N ILE B 494 -22.57 -19.59 -9.92
CA ILE B 494 -21.90 -19.05 -8.74
C ILE B 494 -21.32 -17.69 -9.04
N GLY B 495 -20.79 -17.50 -10.25
CA GLY B 495 -20.24 -16.21 -10.61
C GLY B 495 -21.26 -15.10 -10.47
N ALA B 496 -22.47 -15.34 -10.96
CA ALA B 496 -23.60 -14.50 -10.62
C ALA B 496 -24.14 -14.91 -9.25
N GLN B 497 -25.10 -14.13 -8.75
CA GLN B 497 -25.70 -14.41 -7.44
C GLN B 497 -24.73 -14.09 -6.31
N THR B 498 -23.48 -13.78 -6.65
CA THR B 498 -22.51 -13.28 -5.70
C THR B 498 -22.06 -11.87 -6.03
N GLY B 499 -22.38 -11.36 -7.21
CA GLY B 499 -22.21 -9.96 -7.53
C GLY B 499 -23.51 -9.22 -7.40
N ALA B 500 -24.61 -9.87 -7.82
CA ALA B 500 -25.93 -9.29 -7.62
C ALA B 500 -26.26 -9.18 -6.14
N ASP B 501 -25.85 -10.16 -5.35
CA ASP B 501 -26.01 -10.10 -3.90
C ASP B 501 -24.92 -9.30 -3.23
N THR B 502 -23.86 -8.93 -3.96
CA THR B 502 -22.78 -8.10 -3.44
C THR B 502 -22.17 -8.71 -2.18
N LEU B 503 -21.52 -9.85 -2.37
CA LEU B 503 -20.94 -10.61 -1.27
C LEU B 503 -19.43 -10.75 -1.52
N SER B 504 -18.67 -9.76 -1.07
CA SER B 504 -17.24 -9.74 -1.33
C SER B 504 -16.50 -10.83 -0.58
N ALA B 505 -16.97 -11.20 0.62
CA ALA B 505 -16.34 -12.31 1.33
C ALA B 505 -16.44 -13.60 0.52
N ALA B 506 -17.62 -13.87 -0.04
CA ALA B 506 -17.78 -15.03 -0.91
C ALA B 506 -16.89 -14.90 -2.14
N LEU B 507 -16.83 -13.70 -2.73
CA LEU B 507 -15.95 -13.50 -3.87
C LEU B 507 -14.51 -13.92 -3.54
N ASN B 508 -13.98 -13.39 -2.44
CA ASN B 508 -12.59 -13.67 -2.09
C ASN B 508 -12.39 -15.14 -1.77
N ASP B 509 -13.30 -15.74 -1.01
CA ASP B 509 -13.14 -17.14 -0.64
C ASP B 509 -13.16 -18.03 -1.88
N VAL B 510 -14.09 -17.79 -2.80
CA VAL B 510 -14.18 -18.61 -3.99
C VAL B 510 -12.95 -18.41 -4.87
N SER B 511 -12.47 -17.17 -4.98
CA SER B 511 -11.27 -16.93 -5.77
C SER B 511 -10.08 -17.69 -5.18
N GLU B 512 -9.91 -17.64 -3.86
CA GLU B 512 -8.81 -18.34 -3.24
C GLU B 512 -8.92 -19.85 -3.47
N ARG B 513 -10.12 -20.40 -3.30
CA ARG B 513 -10.29 -21.84 -3.50
C ARG B 513 -10.00 -22.23 -4.94
N VAL B 514 -10.51 -21.46 -5.90
CA VAL B 514 -10.34 -21.81 -7.31
C VAL B 514 -8.88 -21.72 -7.71
N GLY B 515 -8.18 -20.69 -7.25
CA GLY B 515 -6.77 -20.53 -7.54
C GLY B 515 -6.50 -19.55 -8.67
N SER B 516 -5.21 -19.36 -8.93
CA SER B 516 -4.79 -18.35 -9.90
C SER B 516 -5.27 -18.69 -11.31
N ASP B 517 -5.21 -19.98 -11.69
CA ASP B 517 -5.50 -20.36 -13.06
C ASP B 517 -6.85 -19.83 -13.53
N ALA B 518 -7.90 -20.10 -12.75
CA ALA B 518 -9.25 -19.68 -13.11
C ALA B 518 -9.71 -18.45 -12.34
N SER B 519 -8.83 -17.84 -11.54
CA SER B 519 -9.21 -16.63 -10.82
C SER B 519 -9.62 -15.51 -11.75
N PRO B 520 -8.88 -15.20 -12.82
CA PRO B 520 -9.37 -14.18 -13.77
C PRO B 520 -10.72 -14.52 -14.37
N PHE B 521 -10.96 -15.80 -14.66
CA PHE B 521 -12.24 -16.19 -15.23
C PHE B 521 -13.37 -15.95 -14.24
N PHE B 522 -13.17 -16.31 -12.98
CA PHE B 522 -14.19 -16.05 -11.97
C PHE B 522 -14.42 -14.55 -11.79
N ALA B 523 -13.33 -13.77 -11.80
CA ALA B 523 -13.47 -12.32 -11.67
C ALA B 523 -14.30 -11.75 -12.82
N ALA B 524 -14.05 -12.24 -14.04
CA ALA B 524 -14.86 -11.79 -15.17
C ALA B 524 -16.31 -12.20 -15.00
N ALA B 525 -16.55 -13.43 -14.56
CA ALA B 525 -17.92 -13.90 -14.39
C ALA B 525 -18.67 -13.08 -13.34
N VAL B 526 -17.96 -12.55 -12.35
CA VAL B 526 -18.64 -11.82 -11.28
C VAL B 526 -18.69 -10.31 -11.49
N ALA B 527 -17.78 -9.74 -12.28
CA ALA B 527 -17.69 -8.28 -12.37
C ALA B 527 -18.97 -7.63 -12.89
N PRO B 528 -19.55 -8.05 -14.01
CA PRO B 528 -20.67 -7.28 -14.56
C PRO B 528 -21.87 -7.17 -13.63
N ALA B 529 -22.06 -8.15 -12.75
CA ALA B 529 -23.23 -8.13 -11.87
C ALA B 529 -23.08 -7.12 -10.75
N TYR B 530 -21.84 -6.78 -10.37
CA TYR B 530 -21.62 -6.00 -9.16
C TYR B 530 -22.25 -4.62 -9.27
N ALA B 531 -21.99 -3.91 -10.37
CA ALA B 531 -22.49 -2.55 -10.50
C ALA B 531 -24.01 -2.51 -10.52
N ILE B 532 -24.62 -3.37 -11.33
CA ILE B 532 -26.08 -3.40 -11.43
C ILE B 532 -26.68 -3.74 -10.08
N GLY B 533 -26.13 -4.75 -9.40
CA GLY B 533 -26.65 -5.11 -8.09
C GLY B 533 -26.55 -3.96 -7.12
N ASN B 534 -25.40 -3.30 -7.08
CA ASN B 534 -25.24 -2.18 -6.16
C ASN B 534 -26.29 -1.12 -6.42
N ILE B 535 -26.42 -0.68 -7.68
CA ILE B 535 -27.33 0.42 -7.98
C ILE B 535 -28.76 0.04 -7.60
N PHE B 536 -29.22 -1.12 -8.07
CA PHE B 536 -30.64 -1.46 -7.86
C PHE B 536 -30.93 -1.77 -6.41
N LEU B 537 -30.04 -2.49 -5.73
CA LEU B 537 -30.24 -2.80 -4.32
C LEU B 537 -30.19 -1.55 -3.45
N THR B 538 -29.39 -0.55 -3.86
CA THR B 538 -29.40 0.72 -3.12
C THR B 538 -30.70 1.47 -3.34
N LEU B 539 -31.20 1.49 -4.59
CA LEU B 539 -32.47 2.17 -4.84
C LEU B 539 -33.64 1.45 -4.21
N MET B 540 -33.51 0.14 -3.93
CA MET B 540 -34.64 -0.63 -3.42
C MET B 540 -35.01 -0.30 -1.98
N GLY B 541 -34.20 0.48 -1.28
CA GLY B 541 -34.50 0.83 0.10
C GLY B 541 -35.54 1.92 0.21
N PRO B 542 -35.24 3.08 -0.37
CA PRO B 542 -36.22 4.18 -0.36
C PRO B 542 -37.55 3.78 -0.96
N ILE B 543 -37.55 2.98 -2.02
CA ILE B 543 -38.80 2.55 -2.62
C ILE B 543 -39.62 1.76 -1.62
N PHE B 544 -38.98 0.85 -0.89
CA PHE B 544 -39.70 0.08 0.10
C PHE B 544 -40.23 0.98 1.21
N ILE B 545 -39.43 1.95 1.64
CA ILE B 545 -39.87 2.86 2.69
C ILE B 545 -41.12 3.60 2.23
N VAL B 546 -41.10 4.10 1.00
CA VAL B 546 -42.25 4.84 0.49
C VAL B 546 -43.47 3.94 0.37
N LEU B 547 -43.29 2.73 -0.14
CA LEU B 547 -44.43 1.84 -0.34
C LEU B 547 -45.06 1.42 0.99
N LEU B 548 -44.25 1.09 1.98
CA LEU B 548 -44.76 0.57 3.24
C LEU B 548 -44.99 1.64 4.29
N SER B 549 -44.69 2.90 3.98
CA SER B 549 -44.94 3.98 4.94
C SER B 549 -46.44 4.18 5.13
N ASP C . 6.34 15.94 12.77
CA ASP C . 5.94 16.66 11.57
C ASP C . 6.90 16.36 10.41
O ASP C . 6.70 16.84 9.30
CB ASP C . 5.91 18.16 11.83
CG ASP C . 4.60 18.81 11.40
OD1 ASP C . 4.06 18.41 10.35
OD2 ASP C . 4.13 19.71 12.12
OXT ASP C . 7.88 15.65 10.58
H2 ASP C . 7.27 15.94 13.03
H ASP C . 5.83 16.07 13.44
HA ASP C . 5.05 16.38 11.30
HB2 ASP C . 6.02 18.32 12.78
HB3 ASP C . 6.63 18.59 11.34
N ASP D . -20.89 -3.91 -0.78
CA ASP D . -20.47 -4.49 0.48
C ASP D . -19.87 -5.88 0.26
O ASP D . -19.29 -6.48 1.16
CB ASP D . -21.64 -4.56 1.46
CG ASP D . -21.20 -4.82 2.89
OD1 ASP D . -20.68 -5.92 3.15
OD2 ASP D . -21.36 -3.92 3.73
OXT ASP D . -19.98 -6.44 -0.83
H2 ASP D . -20.28 -3.88 -1.52
H ASP D . -21.52 -4.34 -1.17
HA ASP D . -19.78 -3.93 0.88
HB2 ASP D . -22.23 -5.28 1.19
HB3 ASP D . -22.12 -3.71 1.43
#